data_4RL5
#
_entry.id   4RL5
#
_cell.length_a   55.108
_cell.length_b   72.117
_cell.length_c   327.930
_cell.angle_alpha   90.00
_cell.angle_beta   90.00
_cell.angle_gamma   90.00
#
_symmetry.space_group_name_H-M   'P 21 21 21'
#
_entity_poly.entity_id   1
_entity_poly.type   'polypeptide(L)'
_entity_poly.pdbx_seq_one_letter_code
;SVILSQFDLLRQAETKVLKGPHEDLESYLDAIAQLRKIIRYF(MSE)SNKSFKSSDGVLNHANSLLAKAQSKLEEEFKQL
LASYSKAVEPDRLFDGLPNSLRPSSDGDGGGKPHGGHHNDDAETAAYTLPILIPSRVLPLLHDLAQQ(MSE)VQAGHQQQ
LLQIYRDTRSFVLEESLKKLGVEKLSKEDVQR(MSE)QWEVLEAKIGNWIHF(MSE)RIAVKLLFAGERQVCDQIFRGFD
SLSDQCFAEVTVSSVS(MSE)LLSFGDAIARSKRSPEKLFVLLD(MSE)YEI(MSE)RELHTEIETIFKGKACLEIRDSA
TGLTKRLAQTAQETFGDFEEAVEKDATKTAVLDGTVHPLTSYVINYVKFLFDYQTTLKQLFLEFGNGDDSNSQLASVT
(MSE)RI(MSE)QALQNNLDGKSKQYKDPALTHLFL(MSE)NNIHY(MSE)VRSVRRSEAKDLLGDDWVQRHRRIVQQHA
NQYKRVAWTKILQSSSAQGLTSSGGGSLEGGNSSGVSRGLLKERFK(MSE)FN(MSE)QFDELHQRQSQWTVPDTELRES
LRLAVAEVLLPAYRSFLKRFGPLVESGKNPQKYIKYTAEDLERLLGELFEGKS(MSE)NEPRR
;
_entity_poly.pdbx_strand_id   A,B
#
# COMPACT_ATOMS: atom_id res chain seq x y z
N SER A 1 86.95 15.29 18.78
CA SER A 1 86.29 15.29 20.08
C SER A 1 84.86 14.77 19.95
N VAL A 2 84.18 15.19 18.88
CA VAL A 2 82.84 14.72 18.52
C VAL A 2 81.77 14.92 19.61
N ILE A 3 82.00 14.40 20.80
CA ILE A 3 81.00 14.41 21.86
C ILE A 3 80.60 15.82 22.31
N LEU A 4 81.56 16.75 22.26
CA LEU A 4 81.29 18.13 22.67
C LEU A 4 80.27 18.78 21.74
N SER A 5 80.42 18.52 20.44
CA SER A 5 79.49 19.01 19.44
C SER A 5 78.09 18.47 19.69
N GLN A 6 78.01 17.19 20.03
CA GLN A 6 76.73 16.53 20.29
C GLN A 6 76.03 17.13 21.51
N PHE A 7 76.79 17.30 22.59
CA PHE A 7 76.23 17.89 23.81
C PHE A 7 75.79 19.34 23.58
N ASP A 8 76.54 20.07 22.77
CA ASP A 8 76.22 21.45 22.48
C ASP A 8 74.99 21.53 21.57
N LEU A 9 74.81 20.51 20.75
CA LEU A 9 73.65 20.43 19.87
C LEU A 9 72.41 20.11 20.70
N LEU A 10 72.59 19.29 21.74
CA LEU A 10 71.54 19.02 22.69
C LEU A 10 71.18 20.30 23.44
N ARG A 11 72.19 21.10 23.73
CA ARG A 11 71.99 22.38 24.41
C ARG A 11 71.21 23.37 23.54
N GLN A 12 71.48 23.34 22.24
CA GLN A 12 70.77 24.19 21.30
C GLN A 12 69.33 23.71 21.13
N ALA A 13 69.16 22.39 21.17
CA ALA A 13 67.84 21.79 21.09
C ALA A 13 67.01 22.26 22.27
N GLU A 14 67.56 22.15 23.48
CA GLU A 14 66.93 22.67 24.67
C GLU A 14 66.67 24.18 24.54
N THR A 15 67.56 24.87 23.85
CA THR A 15 67.41 26.31 23.64
C THR A 15 66.20 26.62 22.77
N LYS A 16 65.86 25.71 21.85
CA LYS A 16 64.73 25.95 20.96
C LYS A 16 63.45 25.31 21.47
N VAL A 17 63.56 24.09 21.98
CA VAL A 17 62.39 23.34 22.46
C VAL A 17 61.76 24.06 23.66
N LEU A 18 60.82 24.96 23.36
CA LEU A 18 60.13 25.73 24.39
C LEU A 18 59.00 26.55 23.78
N LEU A 29 60.95 22.49 14.86
CA LEU A 29 60.66 21.34 14.03
C LEU A 29 61.93 20.57 13.68
N ASP A 30 62.93 21.30 13.20
CA ASP A 30 64.22 20.70 12.85
C ASP A 30 64.96 20.23 14.10
N ALA A 31 64.65 20.84 15.24
CA ALA A 31 65.25 20.48 16.52
C ALA A 31 64.97 19.02 16.87
N ILE A 32 63.78 18.55 16.53
CA ILE A 32 63.41 17.15 16.78
C ILE A 32 64.29 16.22 15.94
N ALA A 33 64.51 16.59 14.69
CA ALA A 33 65.40 15.85 13.81
C ALA A 33 66.82 15.82 14.36
N GLN A 34 67.25 16.96 14.90
CA GLN A 34 68.56 17.07 15.54
C GLN A 34 68.68 16.10 16.72
N LEU A 35 67.66 16.09 17.57
CA LEU A 35 67.63 15.21 18.73
C LEU A 35 67.64 13.75 18.30
N ARG A 36 66.98 13.47 17.17
CA ARG A 36 66.96 12.12 16.62
C ARG A 36 68.36 11.72 16.14
N LYS A 37 69.05 12.66 15.50
CA LYS A 37 70.41 12.43 15.02
C LYS A 37 71.35 12.19 16.20
N ILE A 38 71.13 12.92 17.28
CA ILE A 38 71.94 12.78 18.49
C ILE A 38 71.69 11.43 19.14
N ILE A 39 70.43 11.04 19.23
CA ILE A 39 70.06 9.74 19.77
C ILE A 39 70.67 8.60 18.96
N ARG A 40 70.67 8.76 17.63
CA ARG A 40 71.26 7.77 16.74
C ARG A 40 72.77 7.71 16.88
N TYR A 41 73.39 8.87 17.07
CA TYR A 41 74.84 8.94 17.23
C TYR A 41 75.28 8.29 18.55
N PHE A 42 74.53 8.56 19.61
CA PHE A 42 74.81 7.97 20.91
C PHE A 42 74.50 6.48 20.91
N MSE A 43 73.57 6.07 20.05
CA MSE A 43 73.23 4.66 19.90
C MSE A 43 74.31 3.92 19.13
O MSE A 43 74.35 2.69 19.12
CB MSE A 43 71.87 4.50 19.20
N SER A 44 75.19 4.68 18.47
CA SER A 44 76.29 4.11 17.71
C SER A 44 77.62 4.35 18.42
N SER A 60 63.84 12.42 26.82
CA SER A 60 62.93 13.11 27.71
C SER A 60 62.42 14.41 27.10
N LEU A 61 63.32 15.14 26.44
CA LEU A 61 62.97 16.38 25.76
C LEU A 61 62.17 16.10 24.49
N LEU A 62 62.48 14.98 23.84
CA LEU A 62 61.77 14.53 22.65
C LEU A 62 60.29 14.31 22.92
N ALA A 63 60.01 13.57 23.98
CA ALA A 63 58.63 13.27 24.38
C ALA A 63 57.85 14.55 24.67
N LYS A 64 58.49 15.46 25.39
CA LYS A 64 57.87 16.74 25.72
C LYS A 64 57.57 17.54 24.46
N ALA A 65 58.55 17.62 23.57
CA ALA A 65 58.38 18.35 22.32
C ALA A 65 57.25 17.79 21.47
N GLN A 66 57.17 16.46 21.37
CA GLN A 66 56.13 15.81 20.58
C GLN A 66 54.74 15.96 21.19
N SER A 67 54.67 15.87 22.52
CA SER A 67 53.40 15.99 23.22
C SER A 67 52.87 17.41 23.10
N LYS A 68 53.78 18.38 23.23
CA LYS A 68 53.42 19.78 23.11
C LYS A 68 53.12 20.10 21.66
N LEU A 69 53.65 19.29 20.75
CA LEU A 69 53.35 19.41 19.32
C LEU A 69 51.92 18.96 19.04
N GLU A 70 51.52 17.84 19.61
CA GLU A 70 50.16 17.34 19.44
C GLU A 70 49.16 18.30 20.09
N GLU A 71 49.52 18.81 21.27
CA GLU A 71 48.68 19.78 21.95
C GLU A 71 48.67 21.11 21.20
N GLU A 72 49.71 21.35 20.41
CA GLU A 72 49.78 22.52 19.55
C GLU A 72 48.82 22.37 18.38
N PHE A 73 48.78 21.17 17.80
CA PHE A 73 47.82 20.85 16.76
C PHE A 73 46.39 21.03 17.28
N LYS A 74 46.16 20.52 18.49
CA LYS A 74 44.88 20.68 19.16
C LYS A 74 44.52 22.15 19.31
N GLN A 75 45.45 22.93 19.86
CA GLN A 75 45.28 24.36 20.06
C GLN A 75 44.93 25.10 18.77
N LEU A 76 45.69 24.84 17.72
CA LEU A 76 45.47 25.50 16.43
C LEU A 76 44.12 25.13 15.84
N LEU A 77 43.80 23.83 15.85
CA LEU A 77 42.53 23.35 15.33
C LEU A 77 41.34 23.96 16.08
N ALA A 78 41.43 24.00 17.40
CA ALA A 78 40.33 24.47 18.23
C ALA A 78 40.21 25.99 18.21
N SER A 79 41.30 26.68 17.88
CA SER A 79 41.28 28.15 17.88
C SER A 79 40.70 28.71 16.59
N TYR A 80 40.56 27.88 15.58
CA TYR A 80 40.01 28.33 14.30
C TYR A 80 38.70 27.63 13.94
N SER A 81 38.15 26.87 14.87
CA SER A 81 36.86 26.22 14.65
C SER A 81 35.69 27.11 15.09
N LYS A 82 35.08 27.81 14.14
CA LYS A 82 33.97 28.70 14.43
C LYS A 82 32.75 28.36 13.59
N ALA A 83 31.59 28.83 14.02
CA ALA A 83 30.32 28.47 13.39
C ALA A 83 30.04 29.38 12.19
N VAL A 84 29.73 28.77 11.05
CA VAL A 84 29.45 29.53 9.84
C VAL A 84 28.09 30.22 9.94
N GLU A 85 28.07 31.52 9.65
CA GLU A 85 26.88 32.33 9.88
C GLU A 85 26.00 32.38 8.64
N PRO A 86 24.68 32.23 8.81
CA PRO A 86 23.77 32.41 7.67
C PRO A 86 23.90 33.82 7.08
N ASP A 87 24.57 33.92 5.93
CA ASP A 87 24.92 35.18 5.28
C ASP A 87 25.98 34.92 4.22
N ARG A 88 27.12 34.41 4.67
CA ARG A 88 28.23 34.10 3.79
C ARG A 88 28.44 32.60 3.69
N LEU A 125 31.49 29.27 -1.80
CA LEU A 125 32.79 29.41 -1.15
C LEU A 125 32.68 30.19 0.16
N PRO A 126 32.36 29.48 1.25
CA PRO A 126 32.03 30.09 2.54
C PRO A 126 33.25 30.29 3.44
N ILE A 127 34.42 29.88 2.94
CA ILE A 127 35.72 29.87 3.65
C ILE A 127 35.63 29.69 5.19
N LEU A 128 35.79 28.44 5.61
CA LEU A 128 35.69 28.08 7.02
C LEU A 128 36.93 28.48 7.81
N ILE A 129 38.10 28.21 7.25
CA ILE A 129 39.37 28.53 7.90
C ILE A 129 40.26 29.35 6.97
N PRO A 130 41.09 30.24 7.55
CA PRO A 130 41.96 31.09 6.73
C PRO A 130 42.87 30.26 5.85
N SER A 131 43.33 30.83 4.74
CA SER A 131 44.17 30.09 3.81
C SER A 131 45.58 29.90 4.35
N ARG A 132 45.96 30.76 5.29
CA ARG A 132 47.29 30.72 5.89
C ARG A 132 47.51 29.52 6.80
N VAL A 133 46.51 29.21 7.63
CA VAL A 133 46.67 28.16 8.64
C VAL A 133 46.55 26.74 8.10
N LEU A 134 46.07 26.60 6.87
CA LEU A 134 45.91 25.26 6.28
C LEU A 134 47.25 24.51 6.13
N PRO A 135 48.26 25.13 5.49
CA PRO A 135 49.54 24.41 5.39
C PRO A 135 50.17 24.13 6.75
N LEU A 136 49.95 25.06 7.70
CA LEU A 136 50.45 24.91 9.06
C LEU A 136 49.85 23.67 9.72
N LEU A 137 48.52 23.59 9.68
CA LEU A 137 47.80 22.45 10.24
C LEU A 137 48.21 21.16 9.56
N HIS A 138 48.49 21.24 8.26
CA HIS A 138 48.91 20.07 7.50
C HIS A 138 50.27 19.58 8.00
N ASP A 139 51.23 20.50 8.09
CA ASP A 139 52.55 20.19 8.62
C ASP A 139 52.47 19.55 10.00
N LEU A 140 51.81 20.24 10.93
CA LEU A 140 51.66 19.75 12.30
C LEU A 140 51.04 18.36 12.34
N ALA A 141 49.99 18.16 11.56
CA ALA A 141 49.31 16.87 11.49
C ALA A 141 50.21 15.78 10.92
N GLN A 142 51.00 16.14 9.92
CA GLN A 142 51.95 15.22 9.30
C GLN A 142 52.99 14.77 10.31
N GLN A 143 53.42 15.70 11.16
CA GLN A 143 54.34 15.39 12.24
C GLN A 143 53.74 14.39 13.24
N MSE A 144 52.42 14.37 13.33
CA MSE A 144 51.73 13.50 14.29
C MSE A 144 51.55 12.08 13.77
O MSE A 144 51.77 11.79 12.60
CB MSE A 144 50.36 14.08 14.64
CG MSE A 144 50.41 15.30 15.55
SE MSE A 144 48.64 15.79 16.22
CE MSE A 144 48.12 14.07 16.99
N VAL A 145 51.16 11.18 14.68
CA VAL A 145 50.89 9.79 14.33
C VAL A 145 49.58 9.33 14.96
N GLN A 151 44.74 8.13 15.28
CA GLN A 151 43.42 8.13 15.90
C GLN A 151 43.24 9.34 16.82
N GLN A 152 44.33 9.77 17.44
CA GLN A 152 44.31 10.94 18.32
C GLN A 152 43.90 12.20 17.56
N LEU A 153 44.52 12.40 16.40
CA LEU A 153 44.20 13.53 15.55
C LEU A 153 42.73 13.43 15.14
N LEU A 154 42.32 12.22 14.80
CA LEU A 154 40.95 11.94 14.42
C LEU A 154 40.02 12.14 15.62
N GLN A 155 40.50 11.79 16.81
CA GLN A 155 39.72 11.95 18.03
C GLN A 155 39.41 13.43 18.28
N ILE A 156 40.45 14.25 18.28
CA ILE A 156 40.30 15.68 18.53
C ILE A 156 39.46 16.34 17.45
N TYR A 157 39.82 16.07 16.18
CA TYR A 157 39.08 16.60 15.04
C TYR A 157 37.61 16.26 15.12
N ARG A 158 37.30 14.99 15.36
CA ARG A 158 35.92 14.56 15.54
C ARG A 158 35.24 15.34 16.64
N ASP A 159 35.81 15.29 17.85
CA ASP A 159 35.20 15.93 19.02
C ASP A 159 34.87 17.40 18.77
N THR A 160 35.89 18.20 18.48
CA THR A 160 35.67 19.63 18.25
C THR A 160 34.88 19.94 16.99
N ARG A 161 35.44 19.56 15.84
CA ARG A 161 34.91 19.96 14.54
C ARG A 161 33.53 19.38 14.20
N SER A 162 33.23 18.15 14.64
CA SER A 162 31.90 17.61 14.34
C SER A 162 30.85 18.40 15.12
N PHE A 163 31.17 18.72 16.36
CA PHE A 163 30.32 19.59 17.18
C PHE A 163 30.11 20.90 16.46
N VAL A 164 31.20 21.46 15.94
CA VAL A 164 31.13 22.74 15.24
C VAL A 164 30.29 22.64 13.97
N LEU A 165 30.26 21.45 13.37
CA LEU A 165 29.52 21.22 12.12
C LEU A 165 28.02 21.10 12.35
N GLU A 166 27.63 20.28 13.33
CA GLU A 166 26.21 20.19 13.68
C GLU A 166 25.72 21.56 14.14
N GLU A 167 26.56 22.24 14.93
CA GLU A 167 26.23 23.58 15.37
C GLU A 167 26.10 24.52 14.17
N SER A 168 26.87 24.25 13.12
CA SER A 168 26.82 25.04 11.90
C SER A 168 25.49 24.84 11.17
N LEU A 169 25.01 23.59 11.15
CA LEU A 169 23.73 23.28 10.50
C LEU A 169 22.54 23.80 11.31
N LYS A 170 22.68 23.85 12.63
CA LYS A 170 21.61 24.38 13.47
C LYS A 170 21.38 25.87 13.22
N LYS A 171 22.36 26.53 12.61
CA LYS A 171 22.27 27.95 12.30
C LYS A 171 21.33 28.23 11.13
N LEU A 172 21.25 27.30 10.17
CA LEU A 172 20.39 27.49 9.00
C LEU A 172 19.02 26.87 9.22
N GLY A 173 18.98 25.68 9.82
CA GLY A 173 17.69 25.03 10.03
C GLY A 173 17.71 23.81 10.90
N VAL A 174 18.32 22.75 10.43
CA VAL A 174 18.49 21.53 11.23
C VAL A 174 17.25 20.72 11.59
N GLU A 175 17.25 19.51 11.06
CA GLU A 175 16.30 18.49 11.39
C GLU A 175 16.35 18.23 12.88
N LYS A 176 16.23 19.27 13.67
CA LYS A 176 16.26 19.10 15.10
C LYS A 176 15.25 18.03 15.51
N ASP A 181 7.53 10.77 13.64
CA ASP A 181 6.81 10.47 14.88
C ASP A 181 6.13 11.73 15.42
N VAL A 182 6.82 12.86 15.32
CA VAL A 182 6.26 14.14 15.74
C VAL A 182 6.26 15.10 14.56
N GLN A 183 6.39 14.54 13.36
CA GLN A 183 6.16 15.27 12.12
C GLN A 183 4.66 15.45 11.95
N ARG A 184 3.91 14.84 12.86
CA ARG A 184 2.47 14.98 12.92
C ARG A 184 2.10 16.42 13.26
N MSE A 185 2.20 17.28 12.25
CA MSE A 185 1.91 18.71 12.41
C MSE A 185 0.83 19.13 11.42
O MSE A 185 0.16 18.28 10.85
CB MSE A 185 3.20 19.53 12.19
CG MSE A 185 3.80 19.38 10.80
SE MSE A 185 5.56 20.22 10.61
CE MSE A 185 6.59 19.01 11.73
N GLN A 186 0.69 20.43 11.22
CA GLN A 186 -0.25 20.93 10.21
C GLN A 186 0.42 20.96 8.85
N TRP A 187 -0.35 20.68 7.81
CA TRP A 187 0.16 20.64 6.45
C TRP A 187 0.69 22.00 5.98
N GLU A 188 -0.05 23.05 6.32
CA GLU A 188 0.23 24.40 5.83
C GLU A 188 1.63 24.87 6.19
N VAL A 189 2.16 24.37 7.30
CA VAL A 189 3.52 24.72 7.73
C VAL A 189 4.50 23.61 7.36
N LEU A 190 3.99 22.40 7.21
CA LEU A 190 4.81 21.25 6.87
C LEU A 190 5.37 21.37 5.45
N GLU A 191 4.52 21.84 4.52
CA GLU A 191 4.96 22.03 3.14
C GLU A 191 6.11 23.05 3.06
N ALA A 192 5.90 24.19 3.71
CA ALA A 192 6.88 25.26 3.70
C ALA A 192 8.16 24.86 4.43
N LYS A 193 8.03 24.02 5.45
CA LYS A 193 9.18 23.54 6.20
C LYS A 193 9.93 22.46 5.44
N ILE A 194 9.23 21.78 4.53
CA ILE A 194 9.86 20.77 3.69
C ILE A 194 10.62 21.46 2.56
N GLY A 195 10.05 22.52 1.99
CA GLY A 195 10.76 23.33 1.02
C GLY A 195 11.99 23.97 1.66
N ASN A 196 11.78 24.45 2.89
CA ASN A 196 12.86 24.93 3.73
C ASN A 196 13.94 23.87 3.84
N TRP A 197 13.52 22.63 4.09
CA TRP A 197 14.45 21.51 4.19
C TRP A 197 15.14 21.20 2.87
N ILE A 198 14.50 21.58 1.76
CA ILE A 198 15.09 21.39 0.44
C ILE A 198 16.28 22.34 0.30
N HIS A 199 16.02 23.62 0.54
CA HIS A 199 17.07 24.62 0.45
C HIS A 199 18.17 24.32 1.45
N PHE A 200 17.78 23.86 2.64
CA PHE A 200 18.72 23.48 3.68
C PHE A 200 19.58 22.32 3.22
N MSE A 201 18.99 21.40 2.46
CA MSE A 201 19.72 20.25 1.93
C MSE A 201 20.77 20.72 0.94
O MSE A 201 21.95 20.32 1.03
CB MSE A 201 18.76 19.27 1.27
CG MSE A 201 18.48 18.02 2.10
SE MSE A 201 19.98 16.79 2.05
CE MSE A 201 19.30 15.41 3.25
N ARG A 202 20.36 21.56 0.00
CA ARG A 202 21.28 22.11 -0.99
C ARG A 202 22.46 22.84 -0.34
N ILE A 203 22.14 23.78 0.55
CA ILE A 203 23.15 24.54 1.27
C ILE A 203 24.09 23.64 2.07
N ALA A 204 23.50 22.72 2.83
CA ALA A 204 24.27 21.86 3.72
C ALA A 204 25.24 20.98 2.95
N VAL A 205 24.80 20.41 1.84
CA VAL A 205 25.71 19.63 1.01
C VAL A 205 26.79 20.54 0.42
N LYS A 206 26.37 21.72 -0.04
CA LYS A 206 27.29 22.68 -0.64
C LYS A 206 28.06 23.52 0.37
N LEU A 207 28.13 23.04 1.61
CA LEU A 207 29.08 23.57 2.59
C LEU A 207 29.89 22.39 3.14
N LEU A 208 29.26 21.23 3.14
CA LEU A 208 29.91 19.98 3.47
C LEU A 208 30.99 19.71 2.44
N PHE A 209 30.79 20.25 1.24
CA PHE A 209 31.82 20.25 0.20
C PHE A 209 33.07 20.99 0.66
N ALA A 210 32.87 22.16 1.26
CA ALA A 210 33.97 22.96 1.77
C ALA A 210 34.69 22.24 2.91
N GLY A 211 33.90 21.68 3.83
CA GLY A 211 34.46 20.85 4.89
C GLY A 211 35.34 19.73 4.35
N GLU A 212 34.83 19.03 3.34
CA GLU A 212 35.56 17.95 2.70
C GLU A 212 36.86 18.40 2.05
N ARG A 213 36.79 19.51 1.30
CA ARG A 213 37.96 20.03 0.64
C ARG A 213 39.04 20.41 1.66
N GLN A 214 38.63 21.07 2.74
CA GLN A 214 39.55 21.45 3.79
C GLN A 214 40.20 20.22 4.45
N VAL A 215 39.39 19.24 4.82
CA VAL A 215 39.91 18.01 5.43
C VAL A 215 40.88 17.26 4.52
N CYS A 216 40.57 17.23 3.22
CA CYS A 216 41.41 16.53 2.24
C CYS A 216 42.55 17.40 1.74
N ASP A 217 42.62 18.62 2.24
CA ASP A 217 43.72 19.53 1.94
C ASP A 217 44.73 19.47 3.08
N GLN A 218 44.22 19.38 4.30
CA GLN A 218 45.07 19.31 5.48
C GLN A 218 45.71 17.91 5.60
N ILE A 219 45.19 16.95 4.83
CA ILE A 219 45.73 15.59 4.81
C ILE A 219 46.23 15.22 3.41
N PHE A 220 47.27 14.40 3.34
CA PHE A 220 47.80 13.92 2.07
C PHE A 220 48.31 12.49 2.17
N SER A 227 42.08 10.12 5.65
CA SER A 227 41.37 11.39 5.46
C SER A 227 39.86 11.18 5.38
N ASP A 228 39.45 10.11 4.71
CA ASP A 228 38.03 9.79 4.57
C ASP A 228 37.42 9.52 5.94
N GLN A 229 38.12 8.74 6.75
CA GLN A 229 37.67 8.40 8.09
C GLN A 229 37.40 9.65 8.94
N CYS A 230 38.26 10.66 8.78
CA CYS A 230 38.11 11.91 9.50
C CYS A 230 36.81 12.60 9.07
N PHE A 231 36.66 12.79 7.76
CA PHE A 231 35.46 13.43 7.21
C PHE A 231 34.19 12.74 7.71
N ALA A 232 34.17 11.42 7.56
CA ALA A 232 33.05 10.62 8.03
C ALA A 232 32.75 10.88 9.50
N GLU A 233 33.79 10.76 10.34
CA GLU A 233 33.67 10.97 11.77
C GLU A 233 33.10 12.34 12.11
N VAL A 234 33.44 13.32 11.31
CA VAL A 234 32.98 14.70 11.53
C VAL A 234 31.53 14.90 11.07
N THR A 235 31.15 14.25 9.97
CA THR A 235 29.89 14.57 9.32
C THR A 235 28.71 13.68 9.72
N VAL A 236 29.01 12.50 10.28
CA VAL A 236 27.98 11.52 10.62
C VAL A 236 26.79 12.14 11.37
N SER A 237 27.06 12.98 12.36
CA SER A 237 26.00 13.60 13.15
C SER A 237 25.10 14.51 12.32
N SER A 238 25.72 15.46 11.61
CA SER A 238 24.99 16.44 10.83
C SER A 238 24.16 15.78 9.72
N VAL A 239 24.80 14.89 8.97
CA VAL A 239 24.11 14.19 7.90
C VAL A 239 23.00 13.30 8.49
N SER A 240 23.22 12.80 9.71
CA SER A 240 22.20 12.03 10.40
C SER A 240 20.99 12.90 10.69
N MSE A 241 21.22 14.15 11.08
CA MSE A 241 20.12 15.10 11.28
C MSE A 241 19.35 15.30 9.98
O MSE A 241 18.14 15.02 9.90
CB MSE A 241 20.64 16.44 11.79
CG MSE A 241 21.12 16.44 13.23
SE MSE A 241 21.30 18.26 13.93
CE MSE A 241 22.48 19.00 12.58
N LEU A 242 20.06 15.79 8.97
CA LEU A 242 19.46 16.04 7.64
C LEU A 242 18.62 14.87 7.18
N LEU A 243 19.22 13.68 7.17
CA LEU A 243 18.53 12.47 6.75
C LEU A 243 17.37 12.12 7.69
N SER A 244 17.49 12.51 8.95
CA SER A 244 16.47 12.18 9.94
C SER A 244 15.20 12.97 9.71
N PHE A 245 15.34 14.18 9.17
CA PHE A 245 14.15 14.97 8.83
C PHE A 245 13.25 14.26 7.82
N GLY A 246 13.85 13.65 6.81
CA GLY A 246 13.12 13.06 5.71
C GLY A 246 12.21 11.88 6.04
N ASP A 247 12.47 11.22 7.16
CA ASP A 247 11.66 10.06 7.56
C ASP A 247 10.47 10.49 8.41
N ALA A 248 9.29 9.93 8.14
CA ALA A 248 9.07 9.02 7.03
C ALA A 248 8.73 9.77 5.74
N ILE A 249 8.34 11.03 5.91
CA ILE A 249 7.95 11.86 4.77
C ILE A 249 8.40 13.30 4.96
N ARG A 254 0.81 7.63 5.99
CA ARG A 254 0.70 7.62 4.54
C ARG A 254 -0.66 8.13 4.08
N SER A 255 -0.67 9.31 3.47
CA SER A 255 -1.90 9.92 2.98
C SER A 255 -1.61 10.76 1.73
N PRO A 256 -2.59 10.84 0.81
CA PRO A 256 -2.47 11.65 -0.40
C PRO A 256 -2.25 13.14 -0.10
N GLU A 257 -2.15 13.95 -1.16
CA GLU A 257 -1.83 15.38 -1.07
C GLU A 257 -0.37 15.63 -0.68
N LYS A 258 0.22 14.71 0.09
CA LYS A 258 1.62 14.81 0.48
C LYS A 258 2.55 14.27 -0.59
N LEU A 259 1.96 13.67 -1.63
CA LEU A 259 2.72 13.02 -2.69
C LEU A 259 3.59 13.96 -3.51
N PHE A 260 3.07 15.16 -3.79
CA PHE A 260 3.76 16.12 -4.63
C PHE A 260 5.05 16.62 -3.97
N VAL A 261 4.96 16.97 -2.70
CA VAL A 261 6.11 17.49 -1.98
C VAL A 261 7.05 16.31 -1.68
N LEU A 262 6.47 15.12 -1.65
CA LEU A 262 7.23 13.89 -1.43
C LEU A 262 8.14 13.71 -2.63
N LEU A 263 7.63 14.05 -3.81
CA LEU A 263 8.39 13.84 -5.03
C LEU A 263 9.27 15.06 -5.27
N ASP A 264 9.01 16.15 -4.56
CA ASP A 264 9.95 17.27 -4.49
C ASP A 264 11.19 16.82 -3.75
N MSE A 265 10.97 16.19 -2.60
CA MSE A 265 12.06 15.63 -1.81
C MSE A 265 12.83 14.59 -2.61
O MSE A 265 14.07 14.54 -2.58
CB MSE A 265 11.52 15.02 -0.51
CG MSE A 265 10.89 16.04 0.42
SE MSE A 265 10.07 15.25 2.01
CE MSE A 265 11.60 14.22 2.63
N TYR A 266 12.09 13.76 -3.36
CA TYR A 266 12.73 12.81 -4.25
C TYR A 266 13.63 13.52 -5.26
N GLU A 267 13.11 14.59 -5.85
CA GLU A 267 13.90 15.40 -6.80
C GLU A 267 15.18 15.95 -6.19
N ILE A 268 15.10 16.45 -4.95
CA ILE A 268 16.28 17.04 -4.32
C ILE A 268 17.29 15.98 -3.87
N MSE A 269 16.82 14.76 -3.60
CA MSE A 269 17.72 13.69 -3.21
C MSE A 269 18.41 13.13 -4.44
O MSE A 269 19.58 12.74 -4.39
CB MSE A 269 16.99 12.59 -2.45
CG MSE A 269 16.54 13.01 -1.06
SE MSE A 269 18.03 13.65 0.04
CE MSE A 269 19.15 12.06 0.00
N ARG A 270 17.68 13.09 -5.56
CA ARG A 270 18.24 12.67 -6.83
C ARG A 270 19.23 13.67 -7.40
N GLU A 271 18.92 14.96 -7.24
CA GLU A 271 19.75 16.03 -7.77
C GLU A 271 21.15 16.10 -7.13
N LEU A 272 21.25 15.73 -5.87
CA LEU A 272 22.50 15.88 -5.13
C LEU A 272 23.25 14.58 -4.87
N HIS A 273 22.70 13.47 -5.37
CA HIS A 273 23.32 12.16 -5.18
C HIS A 273 24.76 12.10 -5.68
N THR A 274 24.97 12.59 -6.91
CA THR A 274 26.29 12.61 -7.51
C THR A 274 27.29 13.40 -6.67
N GLU A 275 26.86 14.57 -6.21
CA GLU A 275 27.71 15.43 -5.41
C GLU A 275 28.00 14.81 -4.05
N ILE A 276 27.04 14.04 -3.54
CA ILE A 276 27.24 13.30 -2.29
C ILE A 276 28.30 12.22 -2.48
N GLU A 277 28.21 11.50 -3.60
CA GLU A 277 29.16 10.46 -3.94
C GLU A 277 30.56 11.02 -4.18
N THR A 278 30.63 12.25 -4.65
CA THR A 278 31.90 12.90 -4.90
C THR A 278 32.50 13.43 -3.59
N ILE A 279 31.63 13.93 -2.72
CA ILE A 279 32.05 14.54 -1.47
C ILE A 279 32.48 13.52 -0.40
N PHE A 280 31.62 12.53 -0.13
CA PHE A 280 31.90 11.60 0.96
C PHE A 280 32.87 10.47 0.62
N LYS A 281 33.15 10.29 -0.67
CA LYS A 281 34.11 9.27 -1.13
C LYS A 281 33.91 7.88 -0.52
N GLY A 282 34.78 7.53 0.42
CA GLY A 282 34.77 6.21 1.04
C GLY A 282 36.17 5.74 1.38
N LYS A 283 36.30 4.49 1.81
CA LYS A 283 35.17 3.58 1.95
C LYS A 283 34.59 3.60 3.35
N ALA A 284 35.40 4.03 4.32
CA ALA A 284 34.94 4.17 5.71
C ALA A 284 34.07 5.40 5.86
N CYS A 285 33.03 5.48 5.04
CA CYS A 285 32.15 6.64 4.97
C CYS A 285 30.91 6.27 4.16
N LEU A 286 31.09 5.32 3.25
CA LEU A 286 30.03 4.83 2.36
C LEU A 286 28.67 4.61 3.02
N GLU A 287 28.67 4.36 4.33
CA GLU A 287 27.42 4.10 5.06
C GLU A 287 26.51 5.33 5.12
N ILE A 288 27.10 6.50 4.92
CA ILE A 288 26.33 7.73 4.84
C ILE A 288 25.75 7.88 3.44
N ARG A 289 26.54 7.51 2.45
CA ARG A 289 26.07 7.51 1.07
C ARG A 289 24.89 6.56 0.90
N ASP A 290 25.02 5.34 1.42
CA ASP A 290 23.96 4.35 1.28
C ASP A 290 22.82 4.63 2.25
N SER A 291 23.08 5.40 3.32
CA SER A 291 21.99 5.87 4.15
C SER A 291 21.14 6.87 3.37
N ALA A 292 21.81 7.74 2.63
CA ALA A 292 21.13 8.73 1.79
C ALA A 292 20.33 8.06 0.67
N THR A 293 20.99 7.19 -0.09
CA THR A 293 20.33 6.47 -1.18
C THR A 293 19.20 5.60 -0.64
N GLY A 294 19.41 5.01 0.52
CA GLY A 294 18.40 4.20 1.19
C GLY A 294 17.16 5.00 1.52
N LEU A 295 17.36 6.19 2.08
CA LEU A 295 16.24 7.04 2.45
C LEU A 295 15.55 7.57 1.19
N THR A 296 16.30 7.64 0.10
CA THR A 296 15.73 8.02 -1.18
C THR A 296 14.80 6.91 -1.68
N LYS A 297 15.29 5.67 -1.63
CA LYS A 297 14.49 4.51 -2.02
C LYS A 297 13.22 4.42 -1.20
N ARG A 298 13.34 4.60 0.11
CA ARG A 298 12.19 4.54 1.00
C ARG A 298 11.20 5.66 0.68
N LEU A 299 11.75 6.84 0.37
CA LEU A 299 10.94 7.99 -0.02
C LEU A 299 10.12 7.69 -1.29
N ALA A 300 10.77 7.12 -2.29
CA ALA A 300 10.11 6.82 -3.56
C ALA A 300 9.05 5.73 -3.41
N GLN A 301 9.40 4.67 -2.68
CA GLN A 301 8.48 3.58 -2.45
C GLN A 301 7.26 4.10 -1.69
N THR A 302 7.50 5.01 -0.75
CA THR A 302 6.42 5.63 0.00
C THR A 302 5.54 6.46 -0.94
N ALA A 303 6.16 7.10 -1.93
CA ALA A 303 5.39 7.83 -2.94
C ALA A 303 4.46 6.90 -3.73
N GLN A 304 4.99 5.76 -4.17
CA GLN A 304 4.17 4.77 -4.86
C GLN A 304 3.00 4.32 -3.98
N GLU A 305 3.29 4.13 -2.69
CA GLU A 305 2.26 3.73 -1.74
C GLU A 305 1.21 4.83 -1.59
N THR A 306 1.62 6.08 -1.76
CA THR A 306 0.67 7.19 -1.77
C THR A 306 -0.19 7.18 -3.03
N PHE A 307 0.38 6.73 -4.15
CA PHE A 307 -0.42 6.51 -5.35
C PHE A 307 -1.56 5.55 -5.04
N GLY A 308 -1.18 4.37 -4.54
CA GLY A 308 -2.17 3.38 -4.15
C GLY A 308 -3.22 3.94 -3.19
N ASP A 309 -2.74 4.68 -2.20
CA ASP A 309 -3.60 5.32 -1.22
C ASP A 309 -4.62 6.25 -1.87
N PHE A 310 -4.18 7.07 -2.83
CA PHE A 310 -5.09 8.01 -3.47
C PHE A 310 -6.13 7.33 -4.35
N GLU A 311 -5.72 6.32 -5.12
CA GLU A 311 -6.68 5.64 -5.97
C GLU A 311 -7.71 4.90 -5.11
N GLU A 312 -7.22 4.25 -4.05
CA GLU A 312 -8.12 3.58 -3.12
C GLU A 312 -9.06 4.58 -2.43
N ALA A 313 -8.55 5.78 -2.17
CA ALA A 313 -9.31 6.82 -1.47
C ALA A 313 -10.42 7.40 -2.34
N VAL A 314 -10.12 7.57 -3.62
CA VAL A 314 -11.10 8.09 -4.57
C VAL A 314 -12.13 7.00 -4.88
N GLU A 315 -11.67 5.74 -4.87
CA GLU A 315 -12.56 4.62 -5.09
C GLU A 315 -13.67 4.55 -4.04
N LYS A 316 -13.29 4.35 -2.78
CA LYS A 316 -14.28 4.31 -1.70
C LYS A 316 -14.57 5.69 -1.13
N ASP A 317 -15.19 6.54 -1.94
CA ASP A 317 -15.51 7.90 -1.52
C ASP A 317 -16.98 7.97 -1.12
N ALA A 318 -17.39 9.08 -0.51
CA ALA A 318 -18.76 9.22 -0.02
C ALA A 318 -19.03 10.66 0.41
N THR A 319 -20.29 11.07 0.28
CA THR A 319 -20.77 12.39 0.71
C THR A 319 -20.10 13.57 -0.02
N LYS A 320 -20.91 14.49 -0.56
CA LYS A 320 -22.36 14.44 -0.49
C LYS A 320 -22.93 15.18 -1.69
N THR A 321 -24.12 15.73 -1.53
CA THR A 321 -24.71 16.57 -2.56
C THR A 321 -24.50 18.04 -2.20
N ALA A 322 -24.99 18.93 -3.04
CA ALA A 322 -24.92 20.36 -2.79
C ALA A 322 -26.26 21.00 -3.11
N VAL A 323 -26.37 21.52 -4.33
CA VAL A 323 -27.66 21.94 -4.86
C VAL A 323 -28.25 20.79 -5.67
N LEU A 324 -28.04 19.58 -5.17
CA LEU A 324 -28.38 18.35 -5.90
C LEU A 324 -27.75 18.40 -7.28
N ASP A 325 -28.56 18.77 -8.27
CA ASP A 325 -28.09 19.09 -9.61
C ASP A 325 -27.49 17.89 -10.35
N GLY A 326 -27.32 18.04 -11.66
CA GLY A 326 -26.68 17.03 -12.46
C GLY A 326 -25.36 17.55 -12.98
N THR A 327 -24.91 18.65 -12.38
CA THR A 327 -23.67 19.31 -12.80
C THR A 327 -22.44 18.52 -12.38
N VAL A 328 -21.27 19.03 -12.77
CA VAL A 328 -20.00 18.35 -12.50
C VAL A 328 -19.68 18.33 -11.01
N HIS A 329 -19.27 17.16 -10.51
CA HIS A 329 -18.95 16.95 -9.11
C HIS A 329 -17.57 17.49 -8.78
N PRO A 330 -17.45 18.27 -7.70
CA PRO A 330 -16.16 18.77 -7.20
C PRO A 330 -15.09 17.67 -7.06
N LEU A 331 -15.52 16.44 -6.81
CA LEU A 331 -14.61 15.31 -6.73
C LEU A 331 -13.93 15.05 -8.06
N THR A 332 -14.71 15.12 -9.14
CA THR A 332 -14.20 14.91 -10.49
C THR A 332 -13.15 15.96 -10.83
N SER A 333 -13.46 17.21 -10.50
CA SER A 333 -12.53 18.31 -10.71
C SER A 333 -11.28 18.12 -9.86
N TYR A 334 -11.45 17.56 -8.68
CA TYR A 334 -10.36 17.32 -7.76
C TYR A 334 -9.41 16.25 -8.30
N VAL A 335 -9.98 15.20 -8.88
CA VAL A 335 -9.19 14.10 -9.42
C VAL A 335 -8.47 14.51 -10.71
N ILE A 336 -9.18 15.18 -11.62
CA ILE A 336 -8.55 15.63 -12.85
C ILE A 336 -7.49 16.69 -12.54
N ASN A 337 -7.70 17.46 -11.48
CA ASN A 337 -6.68 18.39 -11.02
C ASN A 337 -5.48 17.65 -10.46
N TYR A 338 -5.75 16.56 -9.74
CA TYR A 338 -4.70 15.76 -9.13
C TYR A 338 -3.80 15.15 -10.19
N VAL A 339 -4.41 14.66 -11.26
CA VAL A 339 -3.65 14.08 -12.36
C VAL A 339 -3.03 15.22 -13.18
N LYS A 340 -3.62 16.41 -13.09
CA LYS A 340 -3.04 17.57 -13.76
C LYS A 340 -1.76 18.00 -13.04
N PHE A 341 -1.66 17.67 -11.76
CA PHE A 341 -0.45 17.92 -10.98
C PHE A 341 0.55 16.79 -11.16
N LEU A 342 0.04 15.58 -11.37
CA LEU A 342 0.91 14.43 -11.60
C LEU A 342 1.62 14.56 -12.94
N PHE A 343 1.09 15.40 -13.81
CA PHE A 343 1.67 15.60 -15.13
C PHE A 343 2.67 16.75 -15.11
N ASP A 344 2.64 17.53 -14.03
CA ASP A 344 3.65 18.56 -13.83
C ASP A 344 4.95 17.91 -13.40
N TYR A 345 4.83 16.77 -12.73
CA TYR A 345 5.98 15.99 -12.32
C TYR A 345 6.21 14.84 -13.30
N GLN A 346 6.00 15.12 -14.58
CA GLN A 346 6.12 14.10 -15.62
C GLN A 346 7.55 13.60 -15.79
N THR A 347 8.50 14.53 -15.79
CA THR A 347 9.91 14.18 -15.92
C THR A 347 10.39 13.38 -14.72
N THR A 348 9.89 13.73 -13.55
CA THR A 348 10.23 13.03 -12.31
C THR A 348 9.53 11.68 -12.23
N LEU A 349 8.22 11.67 -12.46
CA LEU A 349 7.43 10.45 -12.42
C LEU A 349 7.86 9.45 -13.48
N LYS A 350 8.47 9.94 -14.56
CA LYS A 350 9.00 9.07 -15.61
C LYS A 350 10.09 8.18 -15.02
N GLN A 351 10.83 8.73 -14.06
CA GLN A 351 11.85 8.01 -13.30
C GLN A 351 11.24 6.99 -12.32
N LEU A 352 9.98 6.63 -12.54
CA LEU A 352 9.27 5.70 -11.66
C LEU A 352 10.02 4.39 -11.49
N PHE A 353 10.09 3.60 -12.57
CA PHE A 353 10.78 2.32 -12.54
C PHE A 353 10.33 1.42 -11.39
N ASP A 361 7.60 0.32 -18.65
CA ASP A 361 8.16 1.27 -17.71
C ASP A 361 8.06 2.70 -18.24
N SER A 362 8.68 3.63 -17.52
CA SER A 362 8.64 5.06 -17.85
C SER A 362 7.20 5.57 -17.82
N ASN A 363 6.67 5.94 -18.98
CA ASN A 363 5.33 6.51 -19.02
C ASN A 363 4.23 5.45 -19.06
N SER A 364 4.64 4.19 -19.17
CA SER A 364 3.71 3.06 -19.14
C SER A 364 2.98 3.03 -17.79
N GLN A 365 3.76 2.94 -16.71
CA GLN A 365 3.23 2.86 -15.36
C GLN A 365 2.54 4.16 -14.96
N LEU A 366 3.02 5.28 -15.49
CA LEU A 366 2.39 6.57 -15.25
C LEU A 366 0.98 6.50 -15.81
N ALA A 367 0.89 6.10 -17.08
CA ALA A 367 -0.40 5.87 -17.73
C ALA A 367 -1.29 4.89 -16.95
N SER A 368 -0.69 3.84 -16.41
CA SER A 368 -1.45 2.86 -15.61
C SER A 368 -2.06 3.49 -14.36
N VAL A 369 -1.29 4.38 -13.73
CA VAL A 369 -1.75 5.08 -12.53
C VAL A 369 -2.87 6.04 -12.90
N THR A 370 -2.69 6.76 -14.00
CA THR A 370 -3.67 7.73 -14.45
C THR A 370 -4.99 7.02 -14.79
N MSE A 371 -4.87 5.92 -15.53
CA MSE A 371 -6.04 5.16 -15.95
C MSE A 371 -6.74 4.52 -14.75
O MSE A 371 -7.97 4.43 -14.73
CB MSE A 371 -5.64 4.06 -16.94
CG MSE A 371 -6.82 3.42 -17.66
SE MSE A 371 -6.81 1.47 -17.61
CE MSE A 371 -5.10 1.17 -18.50
N ARG A 372 -5.98 4.11 -13.75
CA ARG A 372 -6.59 3.47 -12.60
C ARG A 372 -7.25 4.47 -11.65
N ILE A 373 -6.68 5.67 -11.53
CA ILE A 373 -7.35 6.69 -10.71
C ILE A 373 -8.57 7.24 -11.44
N MSE A 374 -8.51 7.23 -12.78
CA MSE A 374 -9.67 7.60 -13.59
C MSE A 374 -10.79 6.58 -13.39
O MSE A 374 -11.94 6.95 -13.10
CB MSE A 374 -9.29 7.67 -15.07
CG MSE A 374 -8.54 8.93 -15.47
SE MSE A 374 -9.37 10.54 -14.79
CE MSE A 374 -8.33 11.87 -15.77
N GLN A 375 -10.45 5.31 -13.55
CA GLN A 375 -11.38 4.21 -13.35
C GLN A 375 -11.97 4.26 -11.94
N ALA A 376 -11.15 4.61 -10.98
CA ALA A 376 -11.62 4.76 -9.60
C ALA A 376 -12.63 5.89 -9.48
N LEU A 377 -12.32 7.02 -10.13
CA LEU A 377 -13.22 8.17 -10.15
C LEU A 377 -14.58 7.81 -10.71
N GLN A 378 -14.60 7.18 -11.88
CA GLN A 378 -15.86 6.85 -12.52
C GLN A 378 -16.59 5.76 -11.74
N ASN A 379 -15.85 4.84 -11.13
CA ASN A 379 -16.47 3.80 -10.32
C ASN A 379 -17.20 4.40 -9.12
N ASN A 380 -16.58 5.36 -8.47
CA ASN A 380 -17.23 6.07 -7.40
C ASN A 380 -18.40 6.91 -7.90
N LEU A 381 -18.25 7.43 -9.12
CA LEU A 381 -19.30 8.25 -9.73
C LEU A 381 -20.58 7.46 -10.00
N ASP A 382 -20.44 6.27 -10.57
CA ASP A 382 -21.61 5.42 -10.77
C ASP A 382 -22.08 4.87 -9.44
N GLY A 383 -21.17 4.79 -8.48
CA GLY A 383 -21.53 4.37 -7.14
C GLY A 383 -22.47 5.35 -6.46
N LYS A 384 -22.29 6.64 -6.76
CA LYS A 384 -23.11 7.68 -6.14
C LYS A 384 -24.10 8.30 -7.12
N SER A 385 -24.22 7.69 -8.30
CA SER A 385 -25.19 8.17 -9.29
C SER A 385 -26.54 7.48 -9.07
N LYS A 386 -26.49 6.30 -8.45
CA LYS A 386 -27.69 5.53 -8.17
C LYS A 386 -28.37 6.07 -6.92
N GLN A 387 -27.91 7.24 -6.48
CA GLN A 387 -28.45 7.92 -5.32
C GLN A 387 -29.25 9.13 -5.78
N TYR A 388 -30.04 8.93 -6.84
CA TYR A 388 -30.88 10.00 -7.39
C TYR A 388 -32.20 9.50 -7.92
N LYS A 389 -32.99 10.44 -8.42
CA LYS A 389 -34.24 10.20 -9.10
C LYS A 389 -34.67 11.54 -9.69
N ASP A 390 -35.19 11.57 -10.92
CA ASP A 390 -35.42 10.39 -11.75
C ASP A 390 -34.12 9.92 -12.40
N PRO A 391 -34.11 8.70 -12.96
CA PRO A 391 -32.95 8.20 -13.71
C PRO A 391 -32.42 9.18 -14.76
N ALA A 392 -33.31 10.03 -15.28
CA ALA A 392 -32.91 11.09 -16.20
C ALA A 392 -31.81 11.95 -15.57
N LEU A 393 -31.96 12.26 -14.29
CA LEU A 393 -30.98 13.05 -13.55
C LEU A 393 -29.67 12.30 -13.37
N THR A 394 -29.76 10.99 -13.15
CA THR A 394 -28.59 10.16 -12.97
C THR A 394 -27.75 10.15 -14.24
N HIS A 395 -28.42 9.90 -15.36
CA HIS A 395 -27.74 9.82 -16.64
C HIS A 395 -27.26 11.18 -17.12
N LEU A 396 -27.98 12.24 -16.75
CA LEU A 396 -27.53 13.59 -17.06
C LEU A 396 -26.26 13.92 -16.29
N PHE A 397 -26.25 13.52 -15.02
CA PHE A 397 -25.09 13.74 -14.16
C PHE A 397 -23.87 12.98 -14.67
N LEU A 398 -24.04 11.67 -14.86
CA LEU A 398 -22.97 10.83 -15.40
C LEU A 398 -22.47 11.35 -16.73
N MSE A 399 -23.41 11.83 -17.55
CA MSE A 399 -23.07 12.49 -18.80
C MSE A 399 -22.11 13.63 -18.53
O MSE A 399 -21.02 13.68 -19.11
CB MSE A 399 -24.33 13.01 -19.51
CG MSE A 399 -24.09 13.53 -20.91
SE MSE A 399 -25.48 14.79 -21.46
CE MSE A 399 -27.03 13.86 -20.73
N ASN A 400 -22.51 14.54 -17.65
CA ASN A 400 -21.69 15.69 -17.31
C ASN A 400 -20.30 15.36 -16.81
N ASN A 401 -20.23 14.47 -15.82
CA ASN A 401 -18.96 14.14 -15.21
C ASN A 401 -18.01 13.36 -16.12
N ILE A 402 -18.54 12.36 -16.82
CA ILE A 402 -17.69 11.56 -17.70
C ILE A 402 -17.28 12.39 -18.92
N HIS A 403 -18.14 13.31 -19.35
CA HIS A 403 -17.78 14.22 -20.45
C HIS A 403 -16.70 15.21 -20.00
N TYR A 404 -16.82 15.67 -18.76
CA TYR A 404 -15.82 16.57 -18.16
C TYR A 404 -14.47 15.85 -18.05
N MSE A 405 -14.54 14.57 -17.70
CA MSE A 405 -13.41 13.68 -17.59
C MSE A 405 -12.72 13.51 -18.96
O MSE A 405 -11.51 13.71 -19.10
CB MSE A 405 -13.89 12.34 -17.04
CG MSE A 405 -12.90 11.21 -16.92
SE MSE A 405 -13.82 9.76 -15.99
CE MSE A 405 -12.55 8.32 -16.26
N VAL A 406 -13.52 13.15 -19.96
CA VAL A 406 -13.07 12.98 -21.34
C VAL A 406 -12.41 14.24 -21.88
N ARG A 407 -13.09 15.37 -21.72
CA ARG A 407 -12.58 16.66 -22.17
C ARG A 407 -11.27 17.02 -21.47
N SER A 408 -11.25 16.90 -20.15
CA SER A 408 -10.08 17.22 -19.34
C SER A 408 -8.88 16.40 -19.81
N VAL A 409 -9.14 15.12 -20.12
CA VAL A 409 -8.11 14.24 -20.65
C VAL A 409 -7.70 14.64 -22.06
N ARG A 410 -8.67 15.16 -22.83
CA ARG A 410 -8.45 15.58 -24.21
C ARG A 410 -7.67 16.89 -24.24
N ARG A 411 -7.53 17.51 -23.08
CA ARG A 411 -6.77 18.75 -22.94
C ARG A 411 -5.28 18.55 -22.70
N SER A 412 -4.90 17.36 -22.27
CA SER A 412 -3.51 17.05 -21.90
C SER A 412 -3.01 15.80 -22.60
N GLU A 413 -2.83 14.73 -21.84
CA GLU A 413 -2.45 13.45 -22.41
C GLU A 413 -3.33 12.34 -21.84
N ALA A 414 -4.24 11.72 -22.61
CA ALA A 414 -4.45 11.78 -24.08
C ALA A 414 -3.27 11.21 -24.88
N LYS A 415 -2.31 12.06 -25.24
CA LYS A 415 -1.15 11.62 -26.01
C LYS A 415 -0.39 10.49 -25.32
N ASP A 416 -0.43 10.49 -23.98
CA ASP A 416 0.22 9.45 -23.19
C ASP A 416 -0.42 8.09 -23.46
N LEU A 417 0.11 7.03 -22.84
CA LEU A 417 -0.37 5.68 -23.07
C LEU A 417 -1.77 5.42 -22.50
N LEU A 418 -2.64 6.43 -22.55
CA LEU A 418 -4.02 6.25 -22.16
C LEU A 418 -4.76 5.86 -23.43
N GLY A 419 -4.30 6.44 -24.54
CA GLY A 419 -4.74 6.06 -25.87
C GLY A 419 -5.80 6.96 -26.46
N ASP A 420 -6.38 6.51 -27.56
CA ASP A 420 -7.45 7.23 -28.21
C ASP A 420 -8.72 6.38 -28.10
N ASP A 421 -8.51 5.08 -27.93
CA ASP A 421 -9.59 4.13 -27.75
C ASP A 421 -10.25 4.35 -26.38
N TRP A 422 -9.47 4.83 -25.43
CA TRP A 422 -9.98 5.20 -24.12
C TRP A 422 -10.92 6.40 -24.26
N VAL A 423 -10.41 7.44 -24.90
CA VAL A 423 -11.16 8.67 -25.11
C VAL A 423 -12.41 8.42 -25.93
N GLN A 424 -12.30 7.51 -26.91
CA GLN A 424 -13.41 7.20 -27.77
C GLN A 424 -14.46 6.38 -27.05
N ARG A 425 -14.01 5.36 -26.31
CA ARG A 425 -14.91 4.52 -25.54
C ARG A 425 -15.70 5.36 -24.54
N HIS A 426 -15.00 6.26 -23.86
CA HIS A 426 -15.66 7.08 -22.85
C HIS A 426 -16.56 8.13 -23.48
N ARG A 427 -16.19 8.61 -24.66
CA ARG A 427 -17.06 9.53 -25.41
C ARG A 427 -18.36 8.83 -25.78
N ARG A 428 -18.24 7.59 -26.22
CA ARG A 428 -19.37 6.73 -26.55
C ARG A 428 -20.26 6.54 -25.33
N ILE A 429 -19.63 6.33 -24.17
CA ILE A 429 -20.37 6.14 -22.93
C ILE A 429 -21.16 7.41 -22.57
N VAL A 430 -20.54 8.57 -22.82
CA VAL A 430 -21.21 9.86 -22.62
C VAL A 430 -22.45 9.95 -23.51
N GLN A 431 -22.27 9.68 -24.80
CA GLN A 431 -23.36 9.71 -25.75
C GLN A 431 -24.48 8.75 -25.35
N GLN A 432 -24.10 7.61 -24.77
CA GLN A 432 -25.05 6.61 -24.30
C GLN A 432 -25.87 7.15 -23.14
N HIS A 433 -25.21 7.78 -22.18
CA HIS A 433 -25.91 8.39 -21.05
C HIS A 433 -26.89 9.45 -21.54
N ALA A 434 -26.47 10.22 -22.54
CA ALA A 434 -27.34 11.21 -23.16
C ALA A 434 -28.60 10.55 -23.74
N ASN A 435 -28.37 9.51 -24.54
CA ASN A 435 -29.45 8.76 -25.15
C ASN A 435 -30.45 8.21 -24.14
N GLN A 436 -29.93 7.58 -23.08
CA GLN A 436 -30.80 6.96 -22.08
C GLN A 436 -31.57 8.02 -21.31
N TYR A 437 -30.93 9.18 -21.10
CA TYR A 437 -31.62 10.31 -20.51
C TYR A 437 -32.82 10.70 -21.37
N LYS A 438 -32.57 10.93 -22.66
CA LYS A 438 -33.62 11.34 -23.58
C LYS A 438 -34.77 10.33 -23.60
N ARG A 439 -34.41 9.05 -23.59
CA ARG A 439 -35.39 7.98 -23.60
C ARG A 439 -36.29 8.04 -22.37
N VAL A 440 -35.71 7.86 -21.19
CA VAL A 440 -36.51 7.82 -19.97
C VAL A 440 -37.30 9.11 -19.76
N ALA A 441 -36.69 10.24 -20.07
CA ALA A 441 -37.34 11.54 -19.87
C ALA A 441 -38.53 11.75 -20.80
N TRP A 442 -38.33 11.56 -22.10
CA TRP A 442 -39.33 12.01 -23.07
C TRP A 442 -40.14 10.93 -23.81
N THR A 443 -39.92 9.65 -23.49
CA THR A 443 -40.69 8.60 -24.16
C THR A 443 -42.20 8.70 -23.91
N LYS A 444 -42.58 8.89 -22.65
CA LYS A 444 -43.99 8.93 -22.25
C LYS A 444 -44.72 10.11 -22.89
N ILE A 445 -44.08 11.28 -22.85
CA ILE A 445 -44.68 12.47 -23.42
C ILE A 445 -44.68 12.40 -24.95
N LEU A 446 -43.75 11.64 -25.52
CA LEU A 446 -43.72 11.52 -26.98
C LEU A 446 -44.83 10.59 -27.46
N GLN A 447 -45.08 9.53 -26.71
CA GLN A 447 -46.17 8.62 -27.06
C GLN A 447 -47.51 9.29 -26.76
N SER A 448 -47.52 10.19 -25.78
CA SER A 448 -48.70 11.02 -25.51
C SER A 448 -48.88 12.09 -26.59
N SER A 449 -47.80 12.41 -27.29
CA SER A 449 -47.87 13.39 -28.37
C SER A 449 -48.23 12.72 -29.69
N SER A 450 -48.46 11.42 -29.65
CA SER A 450 -48.81 10.66 -30.85
C SER A 450 -50.32 10.48 -30.89
N ALA A 451 -50.76 9.48 -31.66
CA ALA A 451 -52.19 9.22 -31.80
C ALA A 451 -52.55 7.87 -31.16
N GLN A 452 -51.58 7.24 -30.53
CA GLN A 452 -51.80 5.93 -29.91
C GLN A 452 -52.61 6.07 -28.62
N GLY A 453 -53.94 6.00 -28.76
CA GLY A 453 -54.84 6.15 -27.64
C GLY A 453 -56.08 6.92 -28.05
N LEU A 454 -56.13 7.32 -29.31
CA LEU A 454 -57.25 8.07 -29.85
C LEU A 454 -57.85 7.35 -31.06
N THR A 455 -59.09 6.88 -30.94
CA THR A 455 -59.89 7.04 -29.72
C THR A 455 -60.30 5.70 -29.14
N VAL A 470 -63.30 11.58 -35.45
CA VAL A 470 -62.96 12.64 -34.52
C VAL A 470 -63.29 12.25 -33.08
N SER A 471 -63.24 13.22 -32.18
CA SER A 471 -63.51 13.01 -30.76
C SER A 471 -63.61 14.34 -30.02
N ARG A 472 -62.55 15.14 -30.14
CA ARG A 472 -62.43 16.46 -29.52
C ARG A 472 -62.41 16.44 -27.98
N GLY A 473 -63.23 15.60 -27.37
CA GLY A 473 -63.23 15.48 -25.92
C GLY A 473 -61.94 14.86 -25.42
N LEU A 474 -61.68 13.65 -25.88
CA LEU A 474 -60.46 12.93 -25.51
C LEU A 474 -59.25 13.64 -26.09
N LEU A 475 -59.46 14.37 -27.18
CA LEU A 475 -58.42 15.17 -27.80
C LEU A 475 -58.02 16.30 -26.85
N LYS A 476 -59.03 16.93 -26.23
CA LYS A 476 -58.80 17.97 -25.25
C LYS A 476 -58.12 17.41 -24.01
N GLU A 477 -58.59 16.24 -23.59
CA GLU A 477 -58.00 15.54 -22.44
C GLU A 477 -56.51 15.27 -22.67
N ARG A 478 -56.18 14.82 -23.87
CA ARG A 478 -54.79 14.54 -24.22
C ARG A 478 -53.99 15.83 -24.31
N PHE A 479 -54.61 16.90 -24.77
CA PHE A 479 -53.94 18.20 -24.80
C PHE A 479 -53.54 18.63 -23.38
N LYS A 480 -54.48 18.50 -22.45
CA LYS A 480 -54.21 18.86 -21.05
C LYS A 480 -53.14 17.96 -20.45
N MSE A 481 -53.26 16.66 -20.69
CA MSE A 481 -52.29 15.68 -20.21
C MSE A 481 -50.87 16.00 -20.68
O MSE A 481 -49.93 16.07 -19.87
CB MSE A 481 -52.68 14.28 -20.69
CG MSE A 481 -51.66 13.20 -20.40
SE MSE A 481 -51.40 12.93 -18.49
CE MSE A 481 -50.40 11.25 -18.57
N PHE A 482 -50.75 16.22 -21.99
CA PHE A 482 -49.49 16.60 -22.60
C PHE A 482 -48.92 17.86 -21.96
N ASN A 483 -49.77 18.88 -21.83
CA ASN A 483 -49.33 20.15 -21.23
C ASN A 483 -48.80 19.94 -19.82
N MSE A 484 -49.49 19.12 -19.03
CA MSE A 484 -49.02 18.80 -17.68
C MSE A 484 -47.65 18.12 -17.72
O MSE A 484 -46.74 18.48 -16.98
CB MSE A 484 -50.01 17.91 -16.94
CG MSE A 484 -49.43 17.27 -15.68
SE MSE A 484 -50.70 16.26 -14.61
CE MSE A 484 -51.89 17.72 -14.09
N GLN A 485 -47.53 17.12 -18.60
CA GLN A 485 -46.28 16.36 -18.70
C GLN A 485 -45.10 17.28 -19.04
N PHE A 486 -45.28 18.12 -20.06
CA PHE A 486 -44.21 19.02 -20.46
C PHE A 486 -43.91 20.04 -19.39
N ASP A 487 -44.94 20.52 -18.70
CA ASP A 487 -44.74 21.50 -17.64
C ASP A 487 -43.94 20.92 -16.49
N GLU A 488 -44.28 19.71 -16.07
CA GLU A 488 -43.58 19.04 -14.97
C GLU A 488 -42.13 18.73 -15.36
N LEU A 489 -41.93 18.23 -16.58
CA LEU A 489 -40.57 17.91 -17.03
C LEU A 489 -39.72 19.16 -17.15
N HIS A 490 -40.33 20.23 -17.62
CA HIS A 490 -39.62 21.49 -17.82
C HIS A 490 -39.28 22.16 -16.50
N GLN A 491 -40.19 22.08 -15.53
CA GLN A 491 -39.93 22.70 -14.23
C GLN A 491 -39.05 21.86 -13.33
N ARG A 492 -38.94 20.56 -13.62
CA ARG A 492 -38.01 19.71 -12.88
C ARG A 492 -36.62 19.81 -13.50
N GLN A 493 -36.57 20.02 -14.82
CA GLN A 493 -35.29 20.01 -15.53
C GLN A 493 -34.83 21.39 -16.00
N SER A 494 -35.49 22.45 -15.53
CA SER A 494 -34.98 23.79 -15.77
C SER A 494 -33.98 24.15 -14.68
N GLN A 495 -34.15 23.51 -13.52
CA GLN A 495 -33.28 23.74 -12.38
C GLN A 495 -32.05 22.86 -12.44
N TRP A 496 -31.93 22.08 -13.51
CA TRP A 496 -30.76 21.24 -13.72
C TRP A 496 -29.68 22.04 -14.41
N THR A 497 -28.52 21.41 -14.62
CA THR A 497 -27.40 22.11 -15.24
C THR A 497 -26.37 21.17 -15.86
N VAL A 498 -26.25 21.23 -17.18
CA VAL A 498 -25.10 20.65 -17.86
C VAL A 498 -24.19 21.82 -18.23
N PRO A 499 -22.97 21.84 -17.65
CA PRO A 499 -22.02 22.95 -17.74
C PRO A 499 -21.52 23.21 -19.17
N ASP A 500 -21.08 22.18 -19.88
CA ASP A 500 -20.59 22.35 -21.24
C ASP A 500 -21.67 22.99 -22.11
N THR A 501 -21.37 24.18 -22.63
CA THR A 501 -22.35 24.92 -23.42
C THR A 501 -22.67 24.20 -24.74
N GLU A 502 -21.64 23.72 -25.39
CA GLU A 502 -21.77 23.03 -26.67
C GLU A 502 -22.57 21.73 -26.53
N LEU A 503 -22.32 21.03 -25.43
CA LEU A 503 -23.01 19.77 -25.15
C LEU A 503 -24.48 20.01 -24.84
N ARG A 504 -24.75 20.96 -23.95
CA ARG A 504 -26.12 21.26 -23.58
C ARG A 504 -26.92 21.76 -24.79
N GLU A 505 -26.29 22.58 -25.63
CA GLU A 505 -26.97 23.05 -26.83
C GLU A 505 -27.21 21.91 -27.82
N SER A 506 -26.26 20.99 -27.87
CA SER A 506 -26.38 19.82 -28.75
C SER A 506 -27.57 18.94 -28.34
N LEU A 507 -27.65 18.64 -27.05
CA LEU A 507 -28.71 17.76 -26.56
C LEU A 507 -30.05 18.49 -26.56
N ARG A 508 -30.00 19.81 -26.40
CA ARG A 508 -31.19 20.64 -26.57
C ARG A 508 -31.72 20.49 -27.99
N LEU A 509 -30.80 20.54 -28.95
CA LEU A 509 -31.18 20.38 -30.35
C LEU A 509 -31.69 18.97 -30.61
N ALA A 510 -31.18 18.01 -29.83
CA ALA A 510 -31.62 16.63 -29.96
C ALA A 510 -33.07 16.46 -29.51
N VAL A 511 -33.35 16.83 -28.26
CA VAL A 511 -34.69 16.69 -27.72
C VAL A 511 -35.69 17.56 -28.51
N ALA A 512 -35.24 18.71 -28.99
CA ALA A 512 -36.06 19.52 -29.86
C ALA A 512 -36.36 18.78 -31.15
N GLU A 513 -35.36 18.08 -31.69
CA GLU A 513 -35.53 17.38 -32.96
C GLU A 513 -36.34 16.09 -32.81
N VAL A 514 -36.55 15.64 -31.57
CA VAL A 514 -37.40 14.47 -31.37
C VAL A 514 -38.78 14.85 -30.85
N LEU A 515 -38.94 16.08 -30.38
CA LEU A 515 -40.23 16.53 -29.85
C LEU A 515 -41.00 17.36 -30.87
N LEU A 516 -40.33 18.37 -31.44
CA LEU A 516 -40.95 19.27 -32.41
C LEU A 516 -41.67 18.59 -33.59
N PRO A 517 -41.08 17.54 -34.18
CA PRO A 517 -41.82 16.91 -35.28
C PRO A 517 -43.14 16.27 -34.85
N ALA A 518 -43.12 15.55 -33.73
CA ALA A 518 -44.32 14.88 -33.25
C ALA A 518 -45.41 15.87 -32.85
N TYR A 519 -44.98 16.99 -32.27
CA TYR A 519 -45.91 18.03 -31.83
C TYR A 519 -46.48 18.80 -33.02
N ARG A 520 -45.63 19.12 -33.98
CA ARG A 520 -46.05 19.82 -35.19
C ARG A 520 -47.02 18.96 -36.00
N SER A 521 -46.74 17.65 -36.04
CA SER A 521 -47.63 16.72 -36.73
C SER A 521 -48.94 16.59 -35.95
N PHE A 522 -48.83 16.71 -34.63
CA PHE A 522 -50.00 16.65 -33.76
C PHE A 522 -50.92 17.84 -34.01
N LEU A 523 -50.30 19.00 -34.27
CA LEU A 523 -51.03 20.23 -34.56
C LEU A 523 -51.54 20.23 -36.00
N LYS A 524 -50.87 19.49 -36.87
CA LYS A 524 -51.27 19.40 -38.27
C LYS A 524 -52.26 18.27 -38.48
N ARG A 525 -53.20 18.14 -37.55
CA ARG A 525 -54.26 17.15 -37.64
C ARG A 525 -55.43 17.57 -36.75
N PHE A 526 -55.10 18.04 -35.55
CA PHE A 526 -56.09 18.54 -34.62
C PHE A 526 -55.90 20.04 -34.43
N GLY A 527 -56.87 20.71 -33.83
CA GLY A 527 -56.79 22.14 -33.61
C GLY A 527 -57.36 22.93 -34.78
N PRO A 528 -58.30 23.86 -34.48
CA PRO A 528 -58.83 24.10 -33.14
C PRO A 528 -59.91 23.07 -32.73
N LEU A 529 -59.93 21.95 -33.43
CA LEU A 529 -60.86 20.86 -33.14
C LEU A 529 -60.75 20.39 -31.70
N GLN A 537 -61.31 28.85 -28.02
CA GLN A 537 -60.28 27.82 -27.99
C GLN A 537 -59.31 28.04 -26.83
N LYS A 538 -58.07 28.36 -27.17
CA LYS A 538 -57.00 28.59 -26.18
C LYS A 538 -56.71 27.36 -25.33
N TYR A 539 -57.15 26.19 -25.79
CA TYR A 539 -56.79 24.93 -25.16
C TYR A 539 -55.47 24.45 -25.76
N ILE A 540 -55.04 25.14 -26.82
CA ILE A 540 -53.79 24.82 -27.50
C ILE A 540 -52.64 25.65 -26.94
N LYS A 541 -52.25 25.37 -25.71
CA LYS A 541 -51.11 26.05 -25.08
C LYS A 541 -49.83 25.68 -25.81
N TYR A 542 -48.93 26.66 -25.94
CA TYR A 542 -47.66 26.52 -26.63
C TYR A 542 -47.82 26.29 -28.14
N THR A 543 -47.16 27.12 -28.93
CA THR A 543 -47.05 26.90 -30.36
C THR A 543 -45.77 26.15 -30.63
N ALA A 544 -45.35 26.08 -31.90
CA ALA A 544 -44.09 25.44 -32.24
C ALA A 544 -42.91 26.26 -31.74
N GLU A 545 -42.88 27.53 -32.13
CA GLU A 545 -41.83 28.44 -31.70
C GLU A 545 -41.83 28.65 -30.19
N ASP A 546 -43.03 28.64 -29.60
CA ASP A 546 -43.18 28.77 -28.16
C ASP A 546 -42.58 27.56 -27.43
N LEU A 547 -42.95 26.37 -27.89
CA LEU A 547 -42.47 25.13 -27.28
C LEU A 547 -40.95 25.02 -27.45
N GLU A 548 -40.46 25.55 -28.57
CA GLU A 548 -39.04 25.58 -28.86
C GLU A 548 -38.30 26.58 -27.97
N ARG A 549 -38.99 27.66 -27.59
CA ARG A 549 -38.38 28.73 -26.81
C ARG A 549 -38.10 28.39 -25.35
N LEU A 550 -38.77 27.36 -24.82
CA LEU A 550 -38.52 26.96 -23.44
C LEU A 550 -37.79 25.62 -23.41
N LEU A 551 -37.39 25.16 -24.58
CA LEU A 551 -36.58 23.96 -24.69
C LEU A 551 -35.12 24.40 -24.59
N GLY A 552 -34.84 25.57 -25.15
CA GLY A 552 -33.51 26.14 -25.07
C GLY A 552 -33.32 26.91 -23.78
N GLU A 553 -34.09 26.55 -22.76
CA GLU A 553 -34.00 27.20 -21.46
C GLU A 553 -33.70 26.22 -20.33
N LEU A 554 -34.03 24.95 -20.55
CA LEU A 554 -33.73 23.93 -19.54
C LEU A 554 -32.21 23.75 -19.45
N PHE A 555 -31.76 23.25 -18.29
CA PHE A 555 -30.34 23.08 -17.99
C PHE A 555 -29.60 24.40 -17.89
N GLU A 556 -30.27 25.43 -17.37
CA GLU A 556 -29.64 26.74 -17.19
C GLU A 556 -29.48 27.05 -15.71
N SER B 1 -72.96 -22.30 -33.55
CA SER B 1 -72.82 -21.51 -32.33
C SER B 1 -71.73 -22.07 -31.42
N VAL B 2 -71.68 -23.40 -31.33
CA VAL B 2 -70.67 -24.16 -30.59
C VAL B 2 -70.43 -23.71 -29.14
N ILE B 3 -71.28 -22.82 -28.64
CA ILE B 3 -71.13 -22.28 -27.28
C ILE B 3 -71.28 -23.40 -26.24
N LEU B 4 -72.09 -24.40 -26.58
CA LEU B 4 -72.35 -25.53 -25.69
C LEU B 4 -71.06 -26.29 -25.41
N SER B 5 -70.23 -26.46 -26.44
CA SER B 5 -68.93 -27.09 -26.29
C SER B 5 -68.07 -26.32 -25.29
N GLN B 6 -68.09 -24.99 -25.41
CA GLN B 6 -67.32 -24.13 -24.52
C GLN B 6 -67.79 -24.26 -23.08
N PHE B 7 -69.11 -24.25 -22.89
CA PHE B 7 -69.69 -24.39 -21.56
C PHE B 7 -69.39 -25.77 -20.95
N ASP B 8 -69.37 -26.80 -21.78
CA ASP B 8 -69.09 -28.15 -21.30
C ASP B 8 -67.60 -28.29 -20.97
N LEU B 9 -66.77 -27.54 -21.69
CA LEU B 9 -65.33 -27.54 -21.42
C LEU B 9 -65.06 -26.78 -20.12
N LEU B 10 -65.83 -25.73 -19.88
CA LEU B 10 -65.78 -25.01 -18.62
C LEU B 10 -66.25 -25.89 -17.48
N ARG B 11 -67.26 -26.72 -17.75
CA ARG B 11 -67.80 -27.64 -16.76
C ARG B 11 -66.77 -28.71 -16.40
N GLN B 12 -66.03 -29.18 -17.40
CA GLN B 12 -64.99 -30.17 -17.17
C GLN B 12 -63.80 -29.54 -16.45
N ALA B 13 -63.51 -28.29 -16.79
CA ALA B 13 -62.44 -27.53 -16.15
C ALA B 13 -62.74 -27.37 -14.66
N GLU B 14 -63.94 -26.88 -14.36
CA GLU B 14 -64.39 -26.78 -12.98
C GLU B 14 -64.40 -28.15 -12.30
N THR B 15 -64.69 -29.19 -13.08
CA THR B 15 -64.71 -30.56 -12.57
C THR B 15 -63.32 -31.05 -12.17
N LYS B 16 -62.29 -30.54 -12.83
CA LYS B 16 -60.93 -30.99 -12.57
C LYS B 16 -60.16 -30.11 -11.58
N VAL B 17 -60.36 -28.79 -11.67
CA VAL B 17 -59.63 -27.83 -10.83
C VAL B 17 -59.87 -28.02 -9.34
N LEU B 18 -61.14 -28.05 -8.94
CA LEU B 18 -61.48 -28.18 -7.53
C LEU B 18 -61.21 -29.61 -7.02
N HIS B 22 -54.19 -29.36 -5.95
CA HIS B 22 -53.56 -29.83 -7.18
C HIS B 22 -52.41 -30.79 -6.89
N GLU B 23 -52.66 -31.73 -5.99
CA GLU B 23 -51.65 -32.71 -5.59
C GLU B 23 -51.16 -33.54 -6.77
N ASP B 24 -52.08 -34.25 -7.42
CA ASP B 24 -51.75 -34.99 -8.64
C ASP B 24 -51.74 -34.05 -9.84
N LEU B 25 -50.55 -33.78 -10.36
CA LEU B 25 -50.38 -32.81 -11.44
C LEU B 25 -50.83 -33.34 -12.79
N GLU B 26 -50.12 -32.95 -13.85
CA GLU B 26 -50.45 -33.31 -15.22
C GLU B 26 -51.82 -32.79 -15.65
N SER B 27 -52.88 -33.26 -14.97
CA SER B 27 -54.23 -32.82 -15.27
C SER B 27 -54.45 -31.37 -14.85
N TYR B 28 -54.13 -31.07 -13.60
CA TYR B 28 -54.36 -29.73 -13.04
C TYR B 28 -53.48 -28.67 -13.69
N LEU B 29 -52.45 -29.12 -14.41
CA LEU B 29 -51.55 -28.21 -15.11
C LEU B 29 -52.14 -27.81 -16.47
N ASP B 30 -52.56 -28.81 -17.24
CA ASP B 30 -53.16 -28.57 -18.55
C ASP B 30 -54.53 -27.90 -18.41
N ALA B 31 -55.18 -28.13 -17.27
CA ALA B 31 -56.47 -27.53 -16.98
C ALA B 31 -56.37 -26.00 -16.99
N ILE B 32 -55.25 -25.49 -16.50
CA ILE B 32 -55.02 -24.04 -16.48
C ILE B 32 -54.92 -23.49 -17.89
N ALA B 33 -54.22 -24.21 -18.76
CA ALA B 33 -54.10 -23.84 -20.16
C ALA B 33 -55.47 -23.85 -20.84
N GLN B 34 -56.27 -24.86 -20.52
CA GLN B 34 -57.63 -24.97 -21.05
C GLN B 34 -58.48 -23.78 -20.62
N LEU B 35 -58.45 -23.46 -19.33
CA LEU B 35 -59.20 -22.34 -18.78
C LEU B 35 -58.75 -21.01 -19.39
N ARG B 36 -57.46 -20.91 -19.67
CA ARG B 36 -56.90 -19.71 -20.30
C ARG B 36 -57.42 -19.58 -21.73
N LYS B 37 -57.45 -20.70 -22.45
CA LYS B 37 -57.96 -20.72 -23.81
C LYS B 37 -59.43 -20.37 -23.86
N ILE B 38 -60.18 -20.84 -22.87
CA ILE B 38 -61.62 -20.55 -22.80
C ILE B 38 -61.86 -19.08 -22.46
N ILE B 39 -61.10 -18.57 -21.51
CA ILE B 39 -61.19 -17.16 -21.13
C ILE B 39 -60.86 -16.28 -22.34
N ARG B 40 -59.87 -16.70 -23.11
CA ARG B 40 -59.48 -15.99 -24.33
C ARG B 40 -60.59 -16.06 -25.37
N TYR B 41 -61.27 -17.20 -25.43
CA TYR B 41 -62.36 -17.40 -26.37
C TYR B 41 -63.55 -16.51 -26.05
N PHE B 42 -63.89 -16.42 -24.77
CA PHE B 42 -64.97 -15.54 -24.33
C PHE B 42 -64.56 -14.09 -24.47
N MSE B 43 -63.25 -13.83 -24.39
CA MSE B 43 -62.73 -12.48 -24.58
C MSE B 43 -62.73 -12.09 -26.05
O MSE B 43 -62.60 -10.92 -26.39
CB MSE B 43 -61.30 -12.38 -24.01
N SER B 44 -62.89 -13.09 -26.91
CA SER B 44 -62.97 -12.86 -28.35
C SER B 44 -64.41 -12.84 -28.82
N GLY B 53 -70.96 -12.12 -17.59
CA GLY B 53 -70.66 -12.24 -16.19
C GLY B 53 -70.25 -13.65 -15.81
N VAL B 54 -70.15 -14.52 -16.81
CA VAL B 54 -69.76 -15.90 -16.59
C VAL B 54 -68.25 -16.05 -16.75
N LEU B 55 -67.64 -15.13 -17.48
CA LEU B 55 -66.19 -15.13 -17.65
C LEU B 55 -65.49 -14.81 -16.33
N ASN B 56 -66.17 -14.05 -15.48
CA ASN B 56 -65.67 -13.75 -14.15
C ASN B 56 -65.51 -15.03 -13.33
N HIS B 57 -66.48 -15.92 -13.45
CA HIS B 57 -66.43 -17.22 -12.79
C HIS B 57 -65.25 -18.05 -13.31
N ALA B 58 -65.12 -18.09 -14.63
CA ALA B 58 -64.08 -18.89 -15.28
C ALA B 58 -62.68 -18.41 -14.90
N ASN B 59 -62.48 -17.10 -14.93
CA ASN B 59 -61.18 -16.53 -14.58
C ASN B 59 -60.95 -16.56 -13.08
N SER B 60 -62.03 -16.65 -12.32
CA SER B 60 -61.93 -16.86 -10.87
C SER B 60 -61.39 -18.27 -10.62
N LEU B 61 -61.87 -19.22 -11.42
CA LEU B 61 -61.40 -20.59 -11.31
C LEU B 61 -59.96 -20.67 -11.80
N LEU B 62 -59.64 -19.81 -12.76
CA LEU B 62 -58.26 -19.67 -13.25
C LEU B 62 -57.36 -19.24 -12.10
N ALA B 63 -57.79 -18.20 -11.40
CA ALA B 63 -57.04 -17.66 -10.26
C ALA B 63 -56.86 -18.72 -9.17
N LYS B 64 -57.94 -19.41 -8.84
CA LYS B 64 -57.89 -20.46 -7.81
C LYS B 64 -56.96 -21.61 -8.20
N ALA B 65 -57.10 -22.09 -9.44
CA ALA B 65 -56.28 -23.18 -9.96
C ALA B 65 -54.82 -22.81 -9.95
N GLN B 66 -54.54 -21.56 -10.35
CA GLN B 66 -53.17 -21.07 -10.41
C GLN B 66 -52.60 -20.95 -9.01
N SER B 67 -53.44 -20.53 -8.08
CA SER B 67 -53.02 -20.38 -6.68
C SER B 67 -52.72 -21.72 -6.04
N LYS B 68 -53.53 -22.73 -6.33
CA LYS B 68 -53.29 -24.07 -5.79
C LYS B 68 -52.10 -24.73 -6.48
N LEU B 69 -51.83 -24.29 -7.70
CA LEU B 69 -50.67 -24.76 -8.46
C LEU B 69 -49.40 -24.21 -7.83
N GLU B 70 -49.43 -22.91 -7.52
CA GLU B 70 -48.31 -22.24 -6.90
C GLU B 70 -48.07 -22.78 -5.49
N GLU B 71 -49.15 -23.01 -4.76
CA GLU B 71 -49.06 -23.56 -3.41
C GLU B 71 -48.59 -25.01 -3.44
N GLU B 72 -48.86 -25.70 -4.55
CA GLU B 72 -48.36 -27.05 -4.73
C GLU B 72 -46.87 -27.01 -4.98
N PHE B 73 -46.43 -26.04 -5.78
CA PHE B 73 -45.00 -25.84 -6.00
C PHE B 73 -44.30 -25.55 -4.68
N LYS B 74 -44.89 -24.65 -3.89
CA LYS B 74 -44.35 -24.31 -2.58
C LYS B 74 -44.23 -25.53 -1.69
N GLN B 75 -45.31 -26.29 -1.55
CA GLN B 75 -45.33 -27.50 -0.73
C GLN B 75 -44.26 -28.51 -1.15
N LEU B 76 -44.22 -28.80 -2.45
CA LEU B 76 -43.30 -29.80 -2.99
C LEU B 76 -41.85 -29.35 -2.80
N LEU B 77 -41.59 -28.09 -3.12
CA LEU B 77 -40.26 -27.51 -2.97
C LEU B 77 -39.79 -27.56 -1.52
N ALA B 78 -40.70 -27.23 -0.61
CA ALA B 78 -40.39 -27.17 0.82
C ALA B 78 -40.28 -28.56 1.44
N SER B 79 -40.85 -29.56 0.77
CA SER B 79 -40.80 -30.93 1.26
C SER B 79 -39.45 -31.56 0.95
N TYR B 80 -38.68 -30.89 0.10
CA TYR B 80 -37.36 -31.35 -0.31
C TYR B 80 -36.29 -30.39 0.16
N SER B 81 -36.71 -29.42 0.97
CA SER B 81 -35.77 -28.47 1.57
C SER B 81 -35.26 -29.05 2.88
N LYS B 82 -34.05 -29.60 2.82
CA LYS B 82 -33.45 -30.24 3.99
C LYS B 82 -32.14 -29.56 4.36
N ALA B 83 -31.67 -29.80 5.57
CA ALA B 83 -30.55 -29.06 6.12
C ALA B 83 -29.17 -29.57 5.70
N VAL B 84 -29.16 -30.58 4.82
CA VAL B 84 -27.94 -31.24 4.32
C VAL B 84 -26.77 -31.20 5.33
N GLU B 85 -26.71 -32.24 6.15
CA GLU B 85 -25.81 -32.27 7.30
C GLU B 85 -24.44 -32.87 7.03
N PRO B 86 -23.39 -32.27 7.61
CA PRO B 86 -22.00 -32.74 7.59
C PRO B 86 -21.88 -34.18 8.07
N ASP B 87 -21.51 -35.09 7.17
CA ASP B 87 -21.00 -34.72 5.86
C ASP B 87 -22.01 -34.92 4.75
N ALA B 121 -12.63 -37.11 -4.63
CA ALA B 121 -12.42 -35.67 -4.62
C ALA B 121 -11.33 -35.26 -5.62
N ALA B 122 -11.65 -34.55 -6.72
CA ALA B 122 -12.97 -34.02 -7.12
C ALA B 122 -13.70 -33.21 -6.03
N TYR B 123 -14.87 -33.70 -5.64
CA TYR B 123 -15.62 -33.17 -4.52
C TYR B 123 -16.81 -34.07 -4.21
N THR B 124 -17.48 -34.54 -5.26
CA THR B 124 -18.72 -35.30 -5.17
C THR B 124 -19.75 -34.53 -4.34
N LEU B 125 -20.44 -33.61 -5.00
CA LEU B 125 -21.36 -32.67 -4.35
C LEU B 125 -22.49 -33.42 -3.61
N PRO B 126 -23.23 -32.74 -2.72
CA PRO B 126 -24.08 -33.48 -1.78
C PRO B 126 -25.53 -33.77 -2.17
N ILE B 127 -25.94 -33.50 -3.42
CA ILE B 127 -27.34 -33.65 -3.88
C ILE B 127 -28.36 -33.14 -2.85
N LEU B 128 -28.77 -31.89 -3.03
CA LEU B 128 -29.69 -31.24 -2.12
C LEU B 128 -31.11 -31.77 -2.28
N ILE B 129 -31.55 -31.86 -3.53
CA ILE B 129 -32.87 -32.39 -3.85
C ILE B 129 -32.70 -33.44 -4.94
N PRO B 130 -33.52 -34.51 -4.90
CA PRO B 130 -33.35 -35.63 -5.83
C PRO B 130 -33.44 -35.21 -7.30
N SER B 131 -32.81 -35.98 -8.17
CA SER B 131 -32.76 -35.66 -9.60
C SER B 131 -34.10 -35.95 -10.27
N ARG B 132 -34.87 -36.85 -9.66
CA ARG B 132 -36.17 -37.24 -10.21
C ARG B 132 -37.19 -36.11 -10.09
N VAL B 133 -37.16 -35.43 -8.94
CA VAL B 133 -38.14 -34.40 -8.61
C VAL B 133 -37.87 -33.05 -9.26
N LEU B 134 -36.70 -32.90 -9.87
CA LEU B 134 -36.30 -31.64 -10.50
C LEU B 134 -37.25 -31.19 -11.64
N PRO B 135 -37.58 -32.09 -12.59
CA PRO B 135 -38.48 -31.64 -13.67
C PRO B 135 -39.85 -31.17 -13.22
N LEU B 136 -40.40 -31.70 -12.14
CA LEU B 136 -41.69 -31.23 -11.64
C LEU B 136 -41.59 -29.75 -11.27
N LEU B 137 -40.59 -29.43 -10.45
CA LEU B 137 -40.35 -28.06 -10.03
C LEU B 137 -40.06 -27.18 -11.24
N HIS B 138 -39.37 -27.74 -12.23
CA HIS B 138 -39.05 -26.98 -13.43
C HIS B 138 -40.32 -26.61 -14.20
N ASP B 139 -41.16 -27.61 -14.47
CA ASP B 139 -42.43 -27.41 -15.15
C ASP B 139 -43.29 -26.38 -14.45
N LEU B 140 -43.54 -26.60 -13.14
CA LEU B 140 -44.35 -25.68 -12.36
C LEU B 140 -43.79 -24.25 -12.39
N ALA B 141 -42.48 -24.13 -12.22
CA ALA B 141 -41.84 -22.81 -12.22
C ALA B 141 -41.98 -22.14 -13.58
N GLN B 142 -41.84 -22.92 -14.65
CA GLN B 142 -42.01 -22.43 -16.00
C GLN B 142 -43.43 -21.93 -16.22
N GLN B 143 -44.40 -22.63 -15.63
CA GLN B 143 -45.78 -22.19 -15.65
C GLN B 143 -45.92 -20.85 -14.93
N MSE B 144 -45.20 -20.72 -13.82
CA MSE B 144 -45.24 -19.47 -13.04
C MSE B 144 -44.52 -18.33 -13.75
O MSE B 144 -44.69 -17.17 -13.40
CB MSE B 144 -44.65 -19.71 -11.66
CG MSE B 144 -45.40 -20.77 -10.85
SE MSE B 144 -44.58 -21.24 -9.14
CE MSE B 144 -44.99 -19.61 -8.16
N VAL B 145 -43.69 -18.67 -14.74
CA VAL B 145 -43.00 -17.67 -15.54
C VAL B 145 -43.81 -17.33 -16.78
N GLN B 146 -44.65 -18.26 -17.19
CA GLN B 146 -45.49 -18.13 -18.37
C GLN B 146 -46.79 -17.44 -18.01
N ALA B 147 -47.18 -17.55 -16.74
CA ALA B 147 -48.43 -16.98 -16.24
C ALA B 147 -48.63 -15.48 -16.55
N GLY B 148 -47.67 -14.59 -16.27
CA GLY B 148 -46.40 -14.87 -15.61
C GLY B 148 -46.16 -13.86 -14.51
N HIS B 149 -45.73 -14.34 -13.34
CA HIS B 149 -45.60 -13.47 -12.18
C HIS B 149 -44.15 -13.36 -11.69
N GLN B 150 -43.39 -14.43 -11.88
CA GLN B 150 -41.95 -14.46 -11.56
C GLN B 150 -41.62 -14.17 -10.10
N GLN B 151 -41.95 -12.96 -9.64
CA GLN B 151 -41.55 -12.49 -8.32
C GLN B 151 -42.02 -13.42 -7.19
N GLN B 152 -43.18 -14.03 -7.38
CA GLN B 152 -43.71 -14.98 -6.41
C GLN B 152 -42.78 -16.20 -6.29
N LEU B 153 -42.36 -16.71 -7.44
CA LEU B 153 -41.46 -17.86 -7.52
C LEU B 153 -40.13 -17.55 -6.85
N LEU B 154 -39.61 -16.36 -7.10
CA LEU B 154 -38.37 -15.92 -6.50
C LEU B 154 -38.55 -15.79 -5.00
N GLN B 155 -39.72 -15.33 -4.58
CA GLN B 155 -40.03 -15.15 -3.17
C GLN B 155 -40.04 -16.47 -2.41
N ILE B 156 -40.80 -17.45 -2.92
CA ILE B 156 -40.90 -18.75 -2.25
C ILE B 156 -39.55 -19.46 -2.26
N TYR B 157 -38.92 -19.52 -3.43
CA TYR B 157 -37.60 -20.14 -3.57
C TYR B 157 -36.63 -19.52 -2.56
N ARG B 158 -36.63 -18.19 -2.51
CA ARG B 158 -35.82 -17.45 -1.54
C ARG B 158 -36.10 -17.93 -0.13
N ASP B 159 -37.36 -17.85 0.28
CA ASP B 159 -37.73 -18.20 1.66
C ASP B 159 -37.23 -19.59 2.04
N THR B 160 -37.68 -20.60 1.30
CA THR B 160 -37.35 -21.98 1.62
C THR B 160 -35.86 -22.27 1.49
N ARG B 161 -35.31 -22.11 0.30
CA ARG B 161 -33.93 -22.51 0.04
C ARG B 161 -32.91 -21.70 0.83
N SER B 162 -33.16 -20.39 1.00
CA SER B 162 -32.25 -19.58 1.80
C SER B 162 -32.34 -19.96 3.27
N PHE B 163 -33.55 -20.21 3.78
CA PHE B 163 -33.68 -20.67 5.16
C PHE B 163 -32.87 -21.95 5.38
N VAL B 164 -33.06 -22.93 4.49
CA VAL B 164 -32.40 -24.22 4.63
C VAL B 164 -30.89 -24.12 4.43
N LEU B 165 -30.46 -23.15 3.62
CA LEU B 165 -29.04 -22.99 3.34
C LEU B 165 -28.34 -22.33 4.52
N GLU B 166 -28.95 -21.27 5.04
CA GLU B 166 -28.43 -20.61 6.23
C GLU B 166 -28.37 -21.56 7.41
N GLU B 167 -29.44 -22.34 7.61
CA GLU B 167 -29.43 -23.32 8.70
C GLU B 167 -28.38 -24.39 8.46
N SER B 168 -28.15 -24.72 7.19
CA SER B 168 -27.16 -25.73 6.84
C SER B 168 -25.75 -25.25 7.16
N LEU B 169 -25.49 -23.97 6.90
CA LEU B 169 -24.19 -23.39 7.19
C LEU B 169 -24.01 -23.19 8.69
N LYS B 170 -25.10 -22.87 9.38
CA LYS B 170 -25.05 -22.71 10.83
C LYS B 170 -24.84 -24.05 11.52
N LYS B 171 -25.17 -25.14 10.82
CA LYS B 171 -24.94 -26.47 11.38
C LYS B 171 -23.45 -26.82 11.34
N LEU B 172 -22.75 -26.32 10.33
CA LEU B 172 -21.32 -26.57 10.20
C LEU B 172 -20.46 -25.46 10.81
N GLY B 173 -20.90 -24.21 10.62
CA GLY B 173 -20.17 -23.05 11.12
C GLY B 173 -20.10 -22.95 12.64
N VAL B 174 -20.67 -21.87 13.19
CA VAL B 174 -21.29 -20.80 12.41
C VAL B 174 -20.34 -19.61 12.24
N GLU B 175 -20.51 -18.89 11.14
CA GLU B 175 -19.66 -17.75 10.81
C GLU B 175 -20.36 -16.43 11.14
N LYS B 176 -21.23 -16.47 12.15
CA LYS B 176 -21.90 -15.27 12.63
C LYS B 176 -20.97 -14.30 13.33
N LEU B 177 -19.82 -14.81 13.80
CA LEU B 177 -18.79 -14.03 14.48
C LEU B 177 -18.67 -12.58 13.98
N SER B 178 -18.83 -11.65 14.90
CA SER B 178 -18.79 -10.22 14.61
C SER B 178 -17.85 -9.52 15.57
N LYS B 179 -17.37 -8.31 15.27
CA LYS B 179 -17.45 -7.66 13.96
C LYS B 179 -16.17 -6.88 13.78
N GLU B 180 -15.07 -7.47 14.26
CA GLU B 180 -13.85 -6.78 14.68
C GLU B 180 -14.13 -6.09 16.01
N ASP B 181 -15.32 -6.36 16.56
CA ASP B 181 -15.73 -5.85 17.85
C ASP B 181 -15.61 -6.95 18.90
N VAL B 182 -15.93 -8.18 18.49
CA VAL B 182 -15.77 -9.33 19.38
C VAL B 182 -14.82 -10.34 18.75
N GLN B 183 -14.07 -9.90 17.75
CA GLN B 183 -12.92 -10.66 17.26
C GLN B 183 -11.76 -10.47 18.23
N ARG B 184 -11.95 -9.55 19.17
CA ARG B 184 -10.99 -9.31 20.24
C ARG B 184 -10.92 -10.52 21.18
N MSE B 185 -10.20 -11.55 20.76
CA MSE B 185 -10.09 -12.78 21.53
C MSE B 185 -8.64 -13.18 21.71
O MSE B 185 -7.73 -12.38 21.51
CB MSE B 185 -10.88 -13.90 20.85
CG MSE B 185 -10.38 -14.25 19.46
SE MSE B 185 -11.49 -15.57 18.54
CE MSE B 185 -13.07 -14.46 18.21
N GLN B 186 -8.42 -14.43 22.10
CA GLN B 186 -7.08 -14.98 22.25
C GLN B 186 -6.58 -15.57 20.93
N TRP B 187 -5.28 -15.49 20.71
CA TRP B 187 -4.68 -15.99 19.47
C TRP B 187 -4.89 -17.50 19.31
N GLU B 188 -4.75 -18.23 20.42
CA GLU B 188 -4.78 -19.69 20.41
C GLU B 188 -6.09 -20.26 19.86
N VAL B 189 -7.18 -19.50 20.02
CA VAL B 189 -8.47 -19.93 19.51
C VAL B 189 -8.78 -19.24 18.18
N LEU B 190 -8.19 -18.08 17.96
CA LEU B 190 -8.40 -17.33 16.73
C LEU B 190 -7.79 -18.09 15.55
N GLU B 191 -6.61 -18.68 15.77
CA GLU B 191 -5.96 -19.48 14.74
C GLU B 191 -6.83 -20.66 14.31
N ALA B 192 -7.31 -21.40 15.31
CA ALA B 192 -8.13 -22.58 15.05
C ALA B 192 -9.47 -22.19 14.43
N LYS B 193 -9.99 -21.03 14.78
CA LYS B 193 -11.25 -20.56 14.23
C LYS B 193 -11.07 -20.04 12.81
N ILE B 194 -9.85 -19.64 12.49
CA ILE B 194 -9.52 -19.19 11.14
C ILE B 194 -9.31 -20.38 10.22
N GLY B 195 -8.64 -21.42 10.72
CA GLY B 195 -8.52 -22.66 9.98
C GLY B 195 -9.90 -23.26 9.75
N ASN B 196 -10.70 -23.24 10.82
CA ASN B 196 -12.10 -23.61 10.73
C ASN B 196 -12.82 -22.85 9.64
N TRP B 197 -12.63 -21.53 9.61
CA TRP B 197 -13.27 -20.70 8.59
C TRP B 197 -12.76 -21.02 7.19
N ILE B 198 -11.54 -21.54 7.12
CA ILE B 198 -10.95 -21.96 5.85
C ILE B 198 -11.65 -23.21 5.31
N HIS B 199 -11.69 -24.25 6.12
CA HIS B 199 -12.36 -25.48 5.69
C HIS B 199 -13.85 -25.22 5.44
N PHE B 200 -14.45 -24.40 6.30
CA PHE B 200 -15.84 -24.01 6.14
C PHE B 200 -16.04 -23.25 4.84
N MSE B 201 -15.04 -22.48 4.44
CA MSE B 201 -15.12 -21.72 3.20
C MSE B 201 -15.08 -22.63 1.99
O MSE B 201 -15.93 -22.53 1.10
CB MSE B 201 -13.98 -20.70 3.12
CG MSE B 201 -14.00 -19.86 1.85
SE MSE B 201 -15.67 -18.91 1.62
CE MSE B 201 -15.85 -18.18 3.41
N ARG B 202 -14.10 -23.54 1.96
CA ARG B 202 -14.00 -24.52 0.89
C ARG B 202 -15.30 -25.31 0.74
N ILE B 203 -15.76 -25.87 1.86
CA ILE B 203 -17.01 -26.63 1.89
C ILE B 203 -18.20 -25.79 1.41
N ALA B 204 -18.31 -24.58 1.93
CA ALA B 204 -19.45 -23.70 1.64
C ALA B 204 -19.50 -23.36 0.16
N VAL B 205 -18.35 -23.08 -0.46
CA VAL B 205 -18.33 -22.84 -1.90
C VAL B 205 -18.73 -24.12 -2.62
N LYS B 206 -18.21 -25.25 -2.14
CA LYS B 206 -18.51 -26.54 -2.75
C LYS B 206 -19.85 -27.13 -2.29
N LEU B 207 -20.73 -26.28 -1.77
CA LEU B 207 -22.12 -26.65 -1.55
C LEU B 207 -23.04 -25.60 -2.19
N LEU B 208 -22.56 -24.36 -2.20
CA LEU B 208 -23.23 -23.28 -2.92
C LEU B 208 -23.19 -23.59 -4.41
N PHE B 209 -22.17 -24.34 -4.82
CA PHE B 209 -22.11 -24.88 -6.18
C PHE B 209 -23.33 -25.76 -6.45
N ALA B 210 -23.67 -26.62 -5.49
CA ALA B 210 -24.82 -27.50 -5.60
C ALA B 210 -26.12 -26.70 -5.61
N GLY B 211 -26.22 -25.69 -4.74
CA GLY B 211 -27.35 -24.78 -4.75
C GLY B 211 -27.54 -24.18 -6.12
N GLU B 212 -26.43 -23.75 -6.72
CA GLU B 212 -26.44 -23.18 -8.07
C GLU B 212 -26.95 -24.19 -9.08
N ARG B 213 -26.48 -25.43 -8.96
CA ARG B 213 -26.89 -26.52 -9.84
C ARG B 213 -28.40 -26.77 -9.77
N GLN B 214 -28.93 -26.78 -8.55
CA GLN B 214 -30.37 -26.94 -8.35
C GLN B 214 -31.13 -25.77 -8.98
N VAL B 215 -30.71 -24.56 -8.66
CA VAL B 215 -31.37 -23.34 -9.14
C VAL B 215 -31.39 -23.27 -10.67
N CYS B 216 -30.35 -23.80 -11.29
CA CYS B 216 -30.23 -23.74 -12.74
C CYS B 216 -31.05 -24.85 -13.40
N ASP B 217 -31.61 -25.74 -12.59
CA ASP B 217 -32.54 -26.75 -13.11
C ASP B 217 -33.99 -26.38 -12.82
N GLN B 218 -34.28 -25.99 -11.58
CA GLN B 218 -35.63 -25.58 -11.18
C GLN B 218 -35.96 -24.16 -11.64
N ILE B 219 -35.49 -23.83 -12.84
CA ILE B 219 -35.72 -22.53 -13.46
C ILE B 219 -35.43 -22.63 -14.95
N PHE B 220 -34.27 -22.11 -15.35
CA PHE B 220 -33.80 -22.19 -16.74
C PHE B 220 -34.80 -21.69 -17.76
N ARG B 221 -35.48 -20.59 -17.45
CA ARG B 221 -36.46 -20.00 -18.36
C ARG B 221 -35.78 -19.40 -19.58
N GLY B 222 -35.17 -20.26 -20.40
CA GLY B 222 -34.41 -19.82 -21.55
C GLY B 222 -33.27 -18.91 -21.13
N PHE B 223 -33.61 -17.64 -20.91
CA PHE B 223 -32.68 -16.69 -20.32
C PHE B 223 -32.47 -17.02 -18.84
N ASP B 224 -31.21 -17.22 -18.46
CA ASP B 224 -30.86 -17.51 -17.07
C ASP B 224 -31.09 -16.28 -16.19
N SER B 225 -31.43 -15.16 -16.84
CA SER B 225 -31.66 -13.88 -16.18
C SER B 225 -32.57 -13.97 -14.95
N LEU B 226 -33.48 -14.93 -14.97
CA LEU B 226 -34.33 -15.17 -13.81
C LEU B 226 -33.57 -15.91 -12.73
N SER B 227 -33.04 -17.08 -13.08
CA SER B 227 -32.42 -17.98 -12.12
C SER B 227 -31.29 -17.29 -11.34
N ASP B 228 -30.51 -16.49 -12.06
CA ASP B 228 -29.42 -15.77 -11.44
C ASP B 228 -30.00 -14.82 -10.41
N GLN B 229 -30.99 -14.05 -10.82
CA GLN B 229 -31.70 -13.14 -9.93
C GLN B 229 -32.24 -13.93 -8.74
N CYS B 230 -32.73 -15.14 -9.03
CA CYS B 230 -33.21 -16.01 -7.98
C CYS B 230 -32.05 -16.40 -7.08
N PHE B 231 -30.99 -16.92 -7.71
CA PHE B 231 -29.82 -17.42 -7.00
C PHE B 231 -29.25 -16.40 -6.01
N ALA B 232 -29.01 -15.18 -6.49
CA ALA B 232 -28.54 -14.11 -5.63
C ALA B 232 -29.45 -13.95 -4.43
N GLU B 233 -30.74 -13.85 -4.69
CA GLU B 233 -31.74 -13.67 -3.63
C GLU B 233 -31.62 -14.76 -2.56
N VAL B 234 -31.25 -15.96 -2.99
CA VAL B 234 -31.14 -17.07 -2.07
C VAL B 234 -29.82 -17.01 -1.28
N THR B 235 -28.76 -16.59 -1.94
CA THR B 235 -27.42 -16.73 -1.37
C THR B 235 -26.89 -15.49 -0.67
N VAL B 236 -27.48 -14.33 -0.98
CA VAL B 236 -26.99 -13.05 -0.49
C VAL B 236 -26.66 -13.06 1.00
N SER B 237 -27.55 -13.62 1.80
CA SER B 237 -27.35 -13.69 3.24
C SER B 237 -26.15 -14.56 3.59
N SER B 238 -26.15 -15.79 3.09
CA SER B 238 -25.13 -16.77 3.45
C SER B 238 -23.74 -16.27 3.08
N VAL B 239 -23.59 -15.80 1.85
CA VAL B 239 -22.33 -15.26 1.38
C VAL B 239 -21.96 -14.03 2.20
N SER B 240 -22.97 -13.27 2.62
CA SER B 240 -22.74 -12.11 3.47
C SER B 240 -22.21 -12.54 4.83
N MSE B 241 -22.67 -13.71 5.30
CA MSE B 241 -22.27 -14.19 6.61
C MSE B 241 -20.81 -14.66 6.59
O MSE B 241 -20.00 -14.20 7.40
CB MSE B 241 -23.17 -15.35 7.05
CG MSE B 241 -22.80 -15.93 8.41
SE MSE B 241 -23.99 -17.38 8.95
CE MSE B 241 -25.69 -16.42 8.84
N LEU B 242 -20.50 -15.55 5.67
CA LEU B 242 -19.14 -16.04 5.47
C LEU B 242 -18.16 -14.89 5.37
N LEU B 243 -18.45 -14.00 4.43
CA LEU B 243 -17.59 -12.85 4.17
C LEU B 243 -17.50 -11.96 5.39
N SER B 244 -18.55 -11.96 6.20
CA SER B 244 -18.56 -11.07 7.35
C SER B 244 -17.54 -11.56 8.37
N PHE B 245 -17.36 -12.87 8.45
CA PHE B 245 -16.32 -13.41 9.32
C PHE B 245 -15.02 -12.83 8.81
N GLY B 246 -14.85 -12.89 7.49
CA GLY B 246 -13.62 -12.45 6.86
C GLY B 246 -13.48 -10.94 7.00
N ASP B 247 -14.61 -10.26 7.21
CA ASP B 247 -14.58 -8.82 7.35
C ASP B 247 -14.42 -8.44 8.82
N ALA B 248 -14.54 -9.44 9.69
CA ALA B 248 -14.43 -9.22 11.13
C ALA B 248 -12.98 -9.27 11.60
N ILE B 249 -12.06 -9.55 10.69
CA ILE B 249 -10.64 -9.52 11.02
C ILE B 249 -9.88 -8.62 10.05
N ALA B 250 -10.40 -8.49 8.84
CA ALA B 250 -9.75 -7.68 7.81
C ALA B 250 -9.83 -6.19 8.15
N ARG B 251 -10.59 -5.85 9.18
CA ARG B 251 -10.77 -4.46 9.56
C ARG B 251 -10.48 -4.24 11.05
N SER B 252 -10.00 -5.29 11.71
CA SER B 252 -9.66 -5.21 13.13
C SER B 252 -8.30 -4.54 13.32
N LYS B 253 -7.81 -4.54 14.56
CA LYS B 253 -6.55 -3.85 14.88
C LYS B 253 -5.36 -4.54 14.21
N ARG B 254 -4.63 -3.78 13.41
CA ARG B 254 -3.51 -4.32 12.65
C ARG B 254 -2.27 -4.53 13.51
N SER B 255 -1.92 -5.80 13.73
CA SER B 255 -0.75 -6.15 14.53
C SER B 255 -0.13 -7.45 14.04
N PRO B 256 1.20 -7.56 14.14
CA PRO B 256 1.94 -8.76 13.77
C PRO B 256 1.54 -10.01 14.56
N GLU B 257 2.21 -11.13 14.26
CA GLU B 257 1.90 -12.45 14.81
C GLU B 257 0.59 -13.02 14.23
N LYS B 258 -0.36 -12.14 13.91
CA LYS B 258 -1.59 -12.54 13.26
C LYS B 258 -1.42 -12.58 11.75
N LEU B 259 -0.27 -12.10 11.28
CA LEU B 259 -0.01 -11.97 9.85
C LEU B 259 0.03 -13.31 9.13
N PHE B 260 0.59 -14.32 9.78
CA PHE B 260 0.76 -15.64 9.16
C PHE B 260 -0.59 -16.31 8.89
N VAL B 261 -1.46 -16.30 9.90
CA VAL B 261 -2.76 -16.95 9.80
C VAL B 261 -3.78 -16.12 9.01
N LEU B 262 -3.57 -14.82 8.94
CA LEU B 262 -4.49 -13.93 8.22
C LEU B 262 -4.52 -14.13 6.70
N LEU B 263 -3.36 -14.39 6.10
CA LEU B 263 -3.25 -14.50 4.65
C LEU B 263 -3.44 -15.92 4.10
N ASP B 264 -3.57 -16.89 4.99
CA ASP B 264 -4.01 -18.22 4.56
C ASP B 264 -5.42 -18.07 4.01
N MSE B 265 -6.16 -17.14 4.63
CA MSE B 265 -7.48 -16.76 4.16
C MSE B 265 -7.39 -16.16 2.76
O MSE B 265 -8.29 -16.37 1.95
CB MSE B 265 -8.11 -15.76 5.13
CG MSE B 265 -7.93 -16.14 6.59
SE MSE B 265 -8.56 -14.78 7.83
CE MSE B 265 -10.08 -15.76 8.56
N TYR B 266 -6.32 -15.43 2.48
CA TYR B 266 -6.07 -14.90 1.14
C TYR B 266 -5.83 -16.05 0.15
N GLU B 267 -5.05 -17.04 0.60
CA GLU B 267 -4.78 -18.22 -0.21
C GLU B 267 -6.10 -18.88 -0.60
N ILE B 268 -7.03 -18.92 0.35
CA ILE B 268 -8.32 -19.54 0.10
C ILE B 268 -9.19 -18.66 -0.80
N MSE B 269 -9.08 -17.35 -0.63
CA MSE B 269 -9.82 -16.40 -1.46
C MSE B 269 -9.42 -16.50 -2.92
O MSE B 269 -10.26 -16.43 -3.81
CB MSE B 269 -9.63 -14.97 -0.96
CG MSE B 269 -10.34 -14.65 0.36
SE MSE B 269 -12.27 -14.90 0.30
CE MSE B 269 -12.37 -16.70 1.04
N ARG B 270 -8.12 -16.65 -3.16
CA ARG B 270 -7.61 -16.79 -4.52
C ARG B 270 -7.89 -18.19 -5.08
N GLU B 271 -7.79 -19.20 -4.22
CA GLU B 271 -8.01 -20.58 -4.63
C GLU B 271 -9.45 -20.77 -5.11
N LEU B 272 -10.38 -20.01 -4.53
CA LEU B 272 -11.79 -20.16 -4.83
C LEU B 272 -12.32 -19.01 -5.68
N HIS B 273 -11.44 -18.05 -6.00
CA HIS B 273 -11.81 -16.88 -6.78
C HIS B 273 -12.40 -17.29 -8.13
N THR B 274 -11.70 -18.18 -8.82
CA THR B 274 -12.16 -18.69 -10.10
C THR B 274 -13.51 -19.38 -9.97
N GLU B 275 -13.63 -20.21 -8.93
CA GLU B 275 -14.87 -20.95 -8.69
C GLU B 275 -16.01 -20.02 -8.30
N ILE B 276 -15.69 -18.93 -7.60
CA ILE B 276 -16.70 -17.93 -7.27
C ILE B 276 -17.18 -17.25 -8.55
N GLU B 277 -16.24 -16.94 -9.44
CA GLU B 277 -16.56 -16.30 -10.70
C GLU B 277 -17.38 -17.21 -11.62
N THR B 278 -17.15 -18.53 -11.52
CA THR B 278 -17.89 -19.48 -12.34
C THR B 278 -19.26 -19.79 -11.77
N ILE B 279 -19.38 -19.83 -10.45
CA ILE B 279 -20.65 -20.18 -9.82
C ILE B 279 -21.65 -19.03 -9.96
N PHE B 280 -21.24 -17.84 -9.54
CA PHE B 280 -22.11 -16.67 -9.59
C PHE B 280 -22.05 -16.09 -11.00
N LYS B 281 -23.20 -16.06 -11.68
CA LYS B 281 -23.26 -15.55 -13.04
C LYS B 281 -23.12 -14.03 -13.11
N GLY B 282 -24.24 -13.36 -13.38
CA GLY B 282 -24.24 -11.91 -13.54
C GLY B 282 -25.24 -11.48 -14.60
N LYS B 283 -25.49 -10.18 -14.69
CA LYS B 283 -24.84 -9.19 -13.85
C LYS B 283 -25.73 -8.82 -12.66
N ALA B 284 -26.76 -9.62 -12.43
CA ALA B 284 -27.63 -9.41 -11.27
C ALA B 284 -27.24 -10.41 -10.19
N CYS B 285 -26.30 -11.30 -10.51
CA CYS B 285 -25.90 -12.35 -9.60
C CYS B 285 -24.67 -11.98 -8.79
N LEU B 286 -23.80 -11.14 -9.39
CA LEU B 286 -22.59 -10.70 -8.73
C LEU B 286 -22.86 -9.79 -7.52
N GLU B 287 -22.16 -8.66 -7.48
CA GLU B 287 -22.23 -7.66 -6.39
C GLU B 287 -22.01 -8.25 -4.99
N ILE B 288 -22.31 -9.54 -4.80
CA ILE B 288 -21.90 -10.24 -3.59
C ILE B 288 -20.51 -10.81 -3.83
N ARG B 289 -20.30 -11.27 -5.07
CA ARG B 289 -18.99 -11.74 -5.53
C ARG B 289 -17.96 -10.62 -5.47
N ASP B 290 -18.36 -9.44 -5.93
CA ASP B 290 -17.46 -8.30 -5.98
C ASP B 290 -17.21 -7.75 -4.59
N SER B 291 -18.14 -8.03 -3.67
CA SER B 291 -17.93 -7.73 -2.26
C SER B 291 -16.85 -8.65 -1.70
N ALA B 292 -16.88 -9.91 -2.12
CA ALA B 292 -15.89 -10.89 -1.72
C ALA B 292 -14.50 -10.52 -2.22
N THR B 293 -14.39 -10.25 -3.52
CA THR B 293 -13.12 -9.85 -4.10
C THR B 293 -12.61 -8.56 -3.47
N GLY B 294 -13.54 -7.64 -3.19
CA GLY B 294 -13.21 -6.39 -2.53
C GLY B 294 -12.63 -6.62 -1.15
N LEU B 295 -13.26 -7.52 -0.39
CA LEU B 295 -12.80 -7.82 0.96
C LEU B 295 -11.47 -8.58 0.94
N THR B 296 -11.21 -9.27 -0.17
CA THR B 296 -9.92 -9.93 -0.38
C THR B 296 -8.83 -8.89 -0.57
N LYS B 297 -9.12 -7.92 -1.42
CA LYS B 297 -8.20 -6.80 -1.65
C LYS B 297 -7.92 -6.07 -0.34
N ARG B 298 -8.97 -5.86 0.45
CA ARG B 298 -8.85 -5.19 1.74
C ARG B 298 -7.97 -6.01 2.69
N LEU B 299 -8.15 -7.33 2.63
CA LEU B 299 -7.34 -8.26 3.41
C LEU B 299 -5.86 -8.06 3.08
N ALA B 300 -5.56 -8.00 1.79
CA ALA B 300 -4.17 -7.86 1.34
C ALA B 300 -3.57 -6.50 1.72
N GLN B 301 -4.30 -5.42 1.49
CA GLN B 301 -3.79 -4.09 1.82
C GLN B 301 -3.55 -3.96 3.32
N THR B 302 -4.45 -4.54 4.11
CA THR B 302 -4.29 -4.53 5.56
C THR B 302 -3.05 -5.34 5.94
N ALA B 303 -2.79 -6.41 5.19
CA ALA B 303 -1.57 -7.18 5.40
C ALA B 303 -0.31 -6.33 5.17
N GLN B 304 -0.30 -5.58 4.07
CA GLN B 304 0.81 -4.67 3.78
C GLN B 304 1.02 -3.66 4.92
N GLU B 305 -0.08 -3.12 5.42
CA GLU B 305 0.03 -2.19 6.54
C GLU B 305 0.52 -2.89 7.80
N THR B 306 0.25 -4.19 7.93
CA THR B 306 0.80 -4.95 9.05
C THR B 306 2.32 -5.10 8.87
N PHE B 307 2.78 -5.19 7.63
CA PHE B 307 4.21 -5.11 7.36
C PHE B 307 4.80 -3.79 7.86
N GLY B 308 4.22 -2.68 7.41
CA GLY B 308 4.69 -1.38 7.87
C GLY B 308 4.72 -1.27 9.39
N ASP B 309 3.64 -1.76 10.00
CA ASP B 309 3.51 -1.82 11.45
C ASP B 309 4.66 -2.61 12.06
N PHE B 310 5.01 -3.72 11.41
CA PHE B 310 6.08 -4.59 11.90
C PHE B 310 7.44 -3.90 11.83
N GLU B 311 7.68 -3.16 10.75
CA GLU B 311 8.94 -2.47 10.60
C GLU B 311 9.06 -1.38 11.68
N GLU B 312 7.97 -0.67 11.91
CA GLU B 312 7.95 0.35 12.96
C GLU B 312 8.15 -0.26 14.34
N ALA B 313 7.60 -1.45 14.52
CA ALA B 313 7.63 -2.13 15.81
C ALA B 313 9.01 -2.66 16.14
N VAL B 314 9.68 -3.25 15.15
CA VAL B 314 11.02 -3.78 15.35
C VAL B 314 12.05 -2.64 15.45
N GLU B 315 11.81 -1.55 14.71
CA GLU B 315 12.70 -0.39 14.78
C GLU B 315 12.73 0.19 16.20
N LYS B 316 11.56 0.66 16.66
CA LYS B 316 11.43 1.20 18.01
C LYS B 316 11.13 0.07 18.98
N ASP B 317 12.14 -0.75 19.27
CA ASP B 317 11.94 -1.95 20.07
C ASP B 317 12.29 -1.79 21.55
N ALA B 318 11.91 -2.81 22.33
CA ALA B 318 12.03 -2.80 23.78
C ALA B 318 11.76 -4.21 24.31
N THR B 319 12.33 -4.58 25.46
CA THR B 319 13.19 -3.70 26.26
C THR B 319 14.66 -4.09 26.16
N LYS B 320 15.04 -5.16 26.86
CA LYS B 320 16.43 -5.60 26.87
C LYS B 320 16.50 -7.11 27.15
N HIS B 329 21.14 -11.24 21.04
CA HIS B 329 19.94 -10.77 21.72
C HIS B 329 18.71 -11.53 21.21
N PRO B 330 17.86 -11.98 22.15
CA PRO B 330 16.61 -12.69 21.86
C PRO B 330 15.74 -12.02 20.80
N LEU B 331 15.83 -10.70 20.70
CA LEU B 331 15.10 -9.96 19.67
C LEU B 331 15.58 -10.35 18.28
N THR B 332 16.90 -10.45 18.13
CA THR B 332 17.49 -10.82 16.84
C THR B 332 17.06 -12.22 16.43
N SER B 333 17.11 -13.16 17.35
CA SER B 333 16.68 -14.53 17.10
C SER B 333 15.20 -14.60 16.77
N TYR B 334 14.40 -13.78 17.46
CA TYR B 334 12.96 -13.76 17.24
C TYR B 334 12.58 -13.18 15.88
N VAL B 335 13.27 -12.11 15.47
CA VAL B 335 13.01 -11.47 14.20
C VAL B 335 13.50 -12.36 13.06
N ILE B 336 14.67 -12.95 13.26
CA ILE B 336 15.24 -13.88 12.29
C ILE B 336 14.32 -15.09 12.16
N ASN B 337 13.68 -15.45 13.27
CA ASN B 337 12.68 -16.51 13.28
C ASN B 337 11.43 -16.09 12.50
N TYR B 338 11.07 -14.83 12.64
CA TYR B 338 9.90 -14.28 11.97
C TYR B 338 10.08 -14.28 10.45
N VAL B 339 11.28 -13.91 10.01
CA VAL B 339 11.60 -13.90 8.58
C VAL B 339 11.81 -15.33 8.10
N LYS B 340 12.19 -16.22 9.02
CA LYS B 340 12.32 -17.63 8.72
C LYS B 340 10.94 -18.23 8.52
N PHE B 341 9.94 -17.58 9.12
CA PHE B 341 8.55 -17.98 8.98
C PHE B 341 7.95 -17.39 7.70
N LEU B 342 8.39 -16.19 7.36
CA LEU B 342 7.92 -15.49 6.16
C LEU B 342 8.44 -16.09 4.85
N PHE B 343 9.49 -16.91 4.92
CA PHE B 343 10.13 -17.40 3.71
C PHE B 343 9.54 -18.70 3.15
N ASP B 344 8.75 -19.39 3.95
CA ASP B 344 8.03 -20.55 3.45
C ASP B 344 6.84 -20.10 2.60
N TYR B 345 6.33 -18.91 2.92
CA TYR B 345 5.23 -18.31 2.17
C TYR B 345 5.75 -17.26 1.18
N GLN B 346 6.88 -17.56 0.54
CA GLN B 346 7.47 -16.63 -0.42
C GLN B 346 6.61 -16.50 -1.67
N THR B 347 6.15 -17.64 -2.17
CA THR B 347 5.31 -17.71 -3.37
C THR B 347 4.05 -16.84 -3.25
N THR B 348 3.27 -17.09 -2.20
CA THR B 348 2.01 -16.40 -1.98
C THR B 348 2.20 -14.88 -1.89
N LEU B 349 3.11 -14.43 -1.04
CA LEU B 349 3.37 -13.00 -0.88
C LEU B 349 3.93 -12.38 -2.16
N LYS B 350 4.65 -13.18 -2.95
CA LYS B 350 5.14 -12.69 -4.22
C LYS B 350 3.98 -12.44 -5.16
N GLN B 351 3.02 -13.36 -5.16
CA GLN B 351 1.80 -13.17 -5.94
C GLN B 351 0.87 -12.16 -5.29
N LEU B 352 1.24 -11.70 -4.10
CA LEU B 352 0.48 -10.68 -3.41
C LEU B 352 0.95 -9.34 -3.97
N PHE B 353 2.21 -9.00 -3.71
CA PHE B 353 2.77 -7.76 -4.21
C PHE B 353 2.72 -7.68 -5.75
N LEU B 354 2.71 -8.83 -6.41
CA LEU B 354 2.51 -8.86 -7.86
C LEU B 354 1.12 -8.31 -8.20
N GLU B 355 0.10 -8.87 -7.57
CA GLU B 355 -1.23 -8.28 -7.59
C GLU B 355 -1.24 -7.12 -6.59
N PHE B 356 -2.38 -6.85 -5.98
CA PHE B 356 -2.49 -5.85 -4.91
C PHE B 356 -1.90 -4.48 -5.28
N GLY B 357 -0.60 -4.47 -5.61
CA GLY B 357 0.04 -3.28 -6.14
C GLY B 357 1.24 -2.78 -5.35
N ASN B 358 2.44 -2.98 -5.90
CA ASN B 358 3.66 -2.43 -5.33
C ASN B 358 4.86 -2.54 -6.27
N GLY B 359 5.21 -3.78 -6.64
CA GLY B 359 6.35 -4.03 -7.50
C GLY B 359 6.14 -5.18 -8.45
N ASP B 360 7.02 -5.33 -9.42
CA ASP B 360 6.91 -6.37 -10.43
C ASP B 360 7.44 -7.71 -9.94
N ASP B 361 8.01 -8.49 -10.86
CA ASP B 361 8.55 -9.81 -10.56
C ASP B 361 9.79 -9.75 -9.68
N SER B 362 10.44 -10.91 -9.54
CA SER B 362 11.63 -11.07 -8.70
C SER B 362 11.37 -10.80 -7.21
N ASN B 363 10.10 -10.67 -6.83
CA ASN B 363 9.72 -10.37 -5.45
C ASN B 363 10.45 -9.16 -4.89
N SER B 364 10.76 -8.21 -5.78
CA SER B 364 11.54 -7.03 -5.44
C SER B 364 11.04 -6.24 -4.24
N GLN B 365 9.78 -5.81 -4.28
CA GLN B 365 9.26 -4.98 -3.19
C GLN B 365 9.24 -5.75 -1.87
N LEU B 366 9.09 -7.07 -1.97
CA LEU B 366 9.18 -7.97 -0.83
C LEU B 366 10.58 -7.86 -0.22
N ALA B 367 11.59 -8.02 -1.06
CA ALA B 367 12.97 -7.82 -0.68
C ALA B 367 13.17 -6.46 -0.03
N SER B 368 12.49 -5.45 -0.59
CA SER B 368 12.58 -4.09 -0.06
C SER B 368 12.07 -4.01 1.37
N VAL B 369 10.98 -4.70 1.69
CA VAL B 369 10.55 -4.70 3.10
C VAL B 369 11.44 -5.59 3.98
N THR B 370 11.84 -6.77 3.48
CA THR B 370 12.63 -7.69 4.26
C THR B 370 14.02 -7.13 4.56
N MSE B 371 14.44 -6.12 3.80
CA MSE B 371 15.64 -5.38 4.13
C MSE B 371 15.34 -4.48 5.31
O MSE B 371 15.98 -4.57 6.35
CB MSE B 371 16.15 -4.55 2.95
CG MSE B 371 16.85 -5.35 1.87
SE MSE B 371 18.02 -4.23 0.79
CE MSE B 371 18.52 -5.53 -0.56
N ARG B 372 14.34 -3.62 5.13
CA ARG B 372 13.91 -2.66 6.15
C ARG B 372 13.71 -3.30 7.53
N ILE B 373 13.30 -4.56 7.55
CA ILE B 373 13.14 -5.26 8.82
C ILE B 373 14.50 -5.56 9.45
N MSE B 374 15.44 -6.01 8.63
CA MSE B 374 16.79 -6.30 9.08
C MSE B 374 17.50 -5.02 9.54
O MSE B 374 18.16 -5.00 10.58
CB MSE B 374 17.62 -6.97 7.98
CG MSE B 374 17.11 -8.35 7.56
SE MSE B 374 17.38 -9.77 8.87
CE MSE B 374 15.69 -9.64 9.82
N GLN B 375 17.38 -3.96 8.74
CA GLN B 375 17.99 -2.67 9.04
C GLN B 375 17.40 -2.10 10.33
N ALA B 376 16.10 -2.28 10.51
CA ALA B 376 15.45 -1.87 11.75
C ALA B 376 16.02 -2.66 12.93
N LEU B 377 16.18 -3.96 12.71
CA LEU B 377 16.74 -4.84 13.74
C LEU B 377 18.12 -4.36 14.16
N GLN B 378 19.00 -4.12 13.20
CA GLN B 378 20.37 -3.73 13.49
C GLN B 378 20.50 -2.31 14.05
N ASN B 379 19.72 -1.36 13.55
CA ASN B 379 19.77 -0.01 14.10
C ASN B 379 19.25 0.00 15.53
N ASN B 380 18.22 -0.79 15.79
CA ASN B 380 17.73 -0.94 17.16
C ASN B 380 18.78 -1.64 18.02
N LEU B 381 19.56 -2.51 17.39
CA LEU B 381 20.65 -3.19 18.08
C LEU B 381 21.69 -2.19 18.54
N ASP B 382 22.01 -1.23 17.67
CA ASP B 382 22.91 -0.15 18.05
C ASP B 382 22.23 0.76 19.07
N GLY B 383 20.90 0.76 19.06
CA GLY B 383 20.11 1.50 20.02
C GLY B 383 20.27 0.94 21.43
N LYS B 384 20.44 -0.37 21.52
CA LYS B 384 20.57 -1.04 22.81
C LYS B 384 22.00 -1.49 23.08
N SER B 385 22.92 -1.08 22.21
CA SER B 385 24.33 -1.38 22.39
C SER B 385 25.01 -0.27 23.19
N LYS B 386 24.45 0.92 23.13
CA LYS B 386 25.01 2.08 23.80
C LYS B 386 24.68 2.17 25.29
N GLN B 387 24.12 1.11 25.86
CA GLN B 387 23.80 1.15 27.29
C GLN B 387 24.70 0.28 28.16
N TYR B 388 25.97 0.15 27.79
CA TYR B 388 26.95 -0.56 28.61
C TYR B 388 28.38 -0.07 28.36
N LYS B 389 29.33 -0.77 28.96
CA LYS B 389 30.76 -0.47 28.86
C LYS B 389 31.54 -1.67 29.38
N ASP B 390 32.71 -1.97 28.82
CA ASP B 390 33.41 -1.15 27.84
C ASP B 390 32.89 -1.27 26.40
N PRO B 391 33.27 -0.31 25.53
CA PRO B 391 32.98 -0.36 24.09
C PRO B 391 33.39 -1.67 23.42
N ALA B 392 34.41 -2.33 23.95
CA ALA B 392 34.81 -3.64 23.46
C ALA B 392 33.63 -4.60 23.48
N LEU B 393 32.87 -4.56 24.56
CA LEU B 393 31.69 -5.41 24.72
C LEU B 393 30.61 -5.01 23.73
N THR B 394 30.52 -3.71 23.45
CA THR B 394 29.52 -3.20 22.50
C THR B 394 29.80 -3.73 21.10
N HIS B 395 31.05 -3.60 20.66
CA HIS B 395 31.41 -4.02 19.32
C HIS B 395 31.41 -5.54 19.22
N LEU B 396 31.69 -6.22 20.33
CA LEU B 396 31.60 -7.67 20.37
C LEU B 396 30.16 -8.13 20.22
N PHE B 397 29.26 -7.45 20.91
CA PHE B 397 27.83 -7.73 20.85
C PHE B 397 27.28 -7.54 19.44
N LEU B 398 27.53 -6.35 18.89
CA LEU B 398 27.10 -6.04 17.53
C LEU B 398 27.67 -7.06 16.54
N MSE B 399 28.95 -7.38 16.71
CA MSE B 399 29.61 -8.41 15.89
C MSE B 399 28.83 -9.72 15.93
O MSE B 399 28.48 -10.29 14.90
CB MSE B 399 31.04 -8.63 16.37
CG MSE B 399 31.83 -9.65 15.55
SE MSE B 399 33.46 -10.25 16.42
CE MSE B 399 32.68 -11.32 17.85
N ASN B 400 28.56 -10.19 17.15
CA ASN B 400 27.86 -11.44 17.37
C ASN B 400 26.48 -11.48 16.72
N ASN B 401 25.69 -10.44 16.99
CA ASN B 401 24.31 -10.39 16.52
C ASN B 401 24.21 -10.24 15.00
N ILE B 402 25.04 -9.37 14.43
CA ILE B 402 25.02 -9.18 12.98
C ILE B 402 25.57 -10.43 12.28
N HIS B 403 26.49 -11.12 12.93
CA HIS B 403 26.97 -12.40 12.41
C HIS B 403 25.88 -13.45 12.43
N TYR B 404 25.08 -13.45 13.49
CA TYR B 404 23.96 -14.37 13.63
C TYR B 404 22.97 -14.11 12.50
N MSE B 405 22.70 -12.83 12.25
CA MSE B 405 21.89 -12.40 11.12
C MSE B 405 22.46 -12.93 9.82
O MSE B 405 21.73 -13.43 8.96
CB MSE B 405 21.78 -10.88 11.06
CG MSE B 405 20.88 -10.26 12.12
SE MSE B 405 20.97 -8.31 12.11
CE MSE B 405 20.85 -8.03 10.18
N VAL B 406 23.78 -12.82 9.67
CA VAL B 406 24.45 -13.24 8.44
C VAL B 406 24.29 -14.73 8.15
N ARG B 407 24.60 -15.57 9.14
CA ARG B 407 24.44 -17.02 8.97
C ARG B 407 22.99 -17.43 8.74
N SER B 408 22.11 -16.93 9.62
CA SER B 408 20.70 -17.24 9.54
C SER B 408 20.09 -16.87 8.20
N VAL B 409 20.45 -15.70 7.68
CA VAL B 409 19.99 -15.28 6.36
C VAL B 409 20.65 -16.15 5.30
N ARG B 410 21.87 -16.60 5.59
CA ARG B 410 22.62 -17.43 4.65
C ARG B 410 22.04 -18.84 4.59
N ARG B 411 21.08 -19.13 5.46
CA ARG B 411 20.41 -20.42 5.44
C ARG B 411 19.21 -20.42 4.46
N SER B 412 18.70 -19.23 4.15
CA SER B 412 17.57 -19.11 3.21
C SER B 412 17.68 -17.92 2.25
N GLU B 413 16.50 -17.38 1.93
CA GLU B 413 16.27 -16.16 1.14
C GLU B 413 17.35 -15.69 0.16
N ALA B 414 17.07 -15.82 -1.13
CA ALA B 414 17.95 -15.27 -2.16
C ALA B 414 17.50 -13.88 -2.60
N LEU B 417 16.40 -13.39 -2.05
CA LEU B 417 15.79 -12.16 -2.55
C LEU B 417 16.53 -10.90 -2.11
N LEU B 418 17.48 -11.05 -1.20
CA LEU B 418 18.27 -9.93 -0.71
C LEU B 418 19.57 -9.73 -1.47
N GLY B 419 20.16 -10.83 -1.94
CA GLY B 419 21.35 -10.74 -2.78
C GLY B 419 22.66 -11.06 -2.09
N ASP B 420 23.76 -10.67 -2.72
CA ASP B 420 25.09 -10.92 -2.20
C ASP B 420 25.77 -9.64 -1.72
N ASP B 421 25.31 -8.49 -2.22
CA ASP B 421 25.85 -7.21 -1.79
C ASP B 421 25.47 -6.94 -0.34
N TRP B 422 24.32 -7.47 0.07
CA TRP B 422 23.85 -7.37 1.45
C TRP B 422 24.76 -8.17 2.39
N VAL B 423 24.94 -9.45 2.08
CA VAL B 423 25.77 -10.33 2.90
C VAL B 423 27.22 -9.84 2.92
N GLN B 424 27.67 -9.24 1.82
CA GLN B 424 29.04 -8.73 1.76
C GLN B 424 29.19 -7.48 2.61
N ARG B 425 28.24 -6.56 2.49
CA ARG B 425 28.26 -5.34 3.30
C ARG B 425 28.23 -5.68 4.79
N HIS B 426 27.37 -6.63 5.16
CA HIS B 426 27.25 -7.02 6.56
C HIS B 426 28.47 -7.81 7.02
N ARG B 427 29.09 -8.54 6.11
CA ARG B 427 30.34 -9.21 6.42
C ARG B 427 31.39 -8.16 6.76
N ARG B 428 31.41 -7.10 5.97
CA ARG B 428 32.32 -5.99 6.20
C ARG B 428 32.06 -5.32 7.54
N ILE B 429 30.79 -5.09 7.89
CA ILE B 429 30.47 -4.46 9.17
C ILE B 429 30.85 -5.37 10.35
N VAL B 430 30.62 -6.68 10.22
CA VAL B 430 31.02 -7.63 11.26
C VAL B 430 32.54 -7.63 11.47
N GLN B 431 33.29 -7.80 10.38
CA GLN B 431 34.74 -7.81 10.43
C GLN B 431 35.26 -6.48 11.00
N GLN B 432 34.55 -5.41 10.67
CA GLN B 432 34.90 -4.08 11.16
C GLN B 432 34.73 -3.98 12.67
N HIS B 433 33.59 -4.49 13.16
CA HIS B 433 33.34 -4.53 14.60
C HIS B 433 34.39 -5.37 15.32
N ALA B 434 34.78 -6.49 14.72
CA ALA B 434 35.85 -7.33 15.28
C ALA B 434 37.16 -6.56 15.38
N ASN B 435 37.58 -5.97 14.27
CA ASN B 435 38.81 -5.19 14.22
C ASN B 435 38.85 -4.05 15.22
N GLN B 436 37.79 -3.25 15.26
CA GLN B 436 37.76 -2.11 16.17
C GLN B 436 37.63 -2.57 17.62
N TYR B 437 36.99 -3.72 17.83
CA TYR B 437 36.99 -4.34 19.16
C TYR B 437 38.43 -4.60 19.59
N LYS B 438 39.18 -5.27 18.72
CA LYS B 438 40.57 -5.59 18.98
C LYS B 438 41.35 -4.30 19.26
N ARG B 439 41.01 -3.26 18.51
CA ARG B 439 41.63 -1.95 18.66
C ARG B 439 41.39 -1.40 20.07
N VAL B 440 40.14 -1.15 20.41
CA VAL B 440 39.79 -0.54 21.69
C VAL B 440 40.29 -1.37 22.87
N ALA B 441 40.13 -2.68 22.78
CA ALA B 441 40.52 -3.59 23.85
C ALA B 441 42.04 -3.66 24.06
N TRP B 442 42.79 -3.88 22.97
CA TRP B 442 44.20 -4.24 23.11
C TRP B 442 45.18 -3.14 22.69
N THR B 443 44.67 -1.96 22.35
CA THR B 443 45.53 -0.82 22.04
C THR B 443 46.36 -0.46 23.25
N LYS B 444 45.71 -0.45 24.42
CA LYS B 444 46.36 -0.08 25.68
C LYS B 444 47.48 -1.04 26.04
N ILE B 445 47.23 -2.33 25.88
CA ILE B 445 48.24 -3.34 26.18
C ILE B 445 49.33 -3.33 25.12
N LEU B 446 48.99 -2.85 23.92
CA LEU B 446 49.94 -2.75 22.83
C LEU B 446 50.88 -1.57 23.02
N GLN B 447 50.37 -0.49 23.60
CA GLN B 447 51.16 0.71 23.87
C GLN B 447 52.20 0.42 24.93
N SER B 448 51.88 -0.53 25.81
CA SER B 448 52.86 -1.05 26.75
C SER B 448 53.86 -1.93 26.00
N SER B 449 54.26 -3.04 26.64
CA SER B 449 55.16 -4.02 26.03
C SER B 449 56.41 -3.39 25.40
N SER B 450 56.30 -2.93 24.16
CA SER B 450 57.42 -2.33 23.46
C SER B 450 57.39 -0.81 23.49
N ALA B 451 58.14 -0.18 22.59
CA ALA B 451 58.23 1.28 22.45
C ALA B 451 58.56 2.03 23.75
N GLN B 452 58.83 1.30 24.83
CA GLN B 452 59.11 1.91 26.12
C GLN B 452 60.53 2.51 26.16
N SER B 471 67.04 2.32 34.44
CA SER B 471 66.30 1.66 33.36
C SER B 471 65.62 0.40 33.87
N ARG B 472 66.41 -0.51 34.44
CA ARG B 472 65.92 -1.78 34.97
C ARG B 472 64.71 -1.63 35.90
N GLY B 473 64.72 -0.55 36.69
CA GLY B 473 63.61 -0.28 37.59
C GLY B 473 62.34 0.04 36.84
N LEU B 474 62.39 1.06 35.99
CA LEU B 474 61.23 1.46 35.19
C LEU B 474 60.85 0.38 34.18
N LEU B 475 61.83 -0.41 33.76
CA LEU B 475 61.58 -1.54 32.87
C LEU B 475 60.76 -2.60 33.59
N LYS B 476 61.12 -2.86 34.84
CA LYS B 476 60.39 -3.80 35.68
C LYS B 476 58.97 -3.28 35.94
N GLU B 477 58.86 -1.99 36.21
CA GLU B 477 57.57 -1.34 36.42
C GLU B 477 56.66 -1.49 35.20
N ARG B 478 57.22 -1.26 34.02
CA ARG B 478 56.46 -1.37 32.78
C ARG B 478 56.07 -2.83 32.50
N PHE B 479 56.97 -3.75 32.83
CA PHE B 479 56.69 -5.17 32.69
C PHE B 479 55.51 -5.58 33.57
N LYS B 480 55.53 -5.13 34.81
CA LYS B 480 54.47 -5.43 35.77
C LYS B 480 53.15 -4.81 35.31
N MSE B 481 53.23 -3.59 34.78
CA MSE B 481 52.07 -2.91 34.24
C MSE B 481 51.43 -3.73 33.12
O MSE B 481 50.22 -4.00 33.14
CB MSE B 481 52.45 -1.52 33.72
CG MSE B 481 51.29 -0.69 33.18
SE MSE B 481 51.84 1.08 32.56
CE MSE B 481 50.08 1.77 32.06
N PHE B 482 52.25 -4.13 32.15
CA PHE B 482 51.80 -4.97 31.04
C PHE B 482 51.15 -6.25 31.56
N ASN B 483 51.83 -6.90 32.51
CA ASN B 483 51.35 -8.16 33.08
C ASN B 483 49.96 -8.03 33.71
N MSE B 484 49.78 -7.03 34.57
CA MSE B 484 48.50 -6.87 35.24
C MSE B 484 47.42 -6.42 34.25
O MSE B 484 46.24 -6.74 34.41
CB MSE B 484 48.60 -5.87 36.40
CG MSE B 484 48.91 -4.43 36.01
SE MSE B 484 48.85 -3.24 37.54
CE MSE B 484 50.27 -4.03 38.60
N GLN B 485 47.83 -5.68 33.22
CA GLN B 485 46.91 -5.30 32.15
C GLN B 485 46.37 -6.54 31.42
N PHE B 486 47.28 -7.43 31.05
CA PHE B 486 46.88 -8.66 30.37
C PHE B 486 46.03 -9.54 31.28
N ASP B 487 46.38 -9.57 32.57
CA ASP B 487 45.62 -10.37 33.52
C ASP B 487 44.19 -9.87 33.68
N GLU B 488 44.03 -8.56 33.85
CA GLU B 488 42.69 -7.99 34.00
C GLU B 488 41.89 -8.14 32.72
N LEU B 489 42.52 -7.92 31.57
CA LEU B 489 41.82 -8.07 30.29
C LEU B 489 41.38 -9.51 30.07
N HIS B 490 42.24 -10.44 30.48
CA HIS B 490 41.99 -11.87 30.29
C HIS B 490 40.87 -12.35 31.22
N GLN B 491 40.81 -11.78 32.42
CA GLN B 491 39.77 -12.15 33.36
C GLN B 491 38.48 -11.40 33.06
N ARG B 492 38.58 -10.35 32.25
CA ARG B 492 37.40 -9.61 31.80
C ARG B 492 36.74 -10.29 30.61
N GLN B 493 37.56 -10.89 29.75
CA GLN B 493 37.04 -11.44 28.50
C GLN B 493 37.02 -12.97 28.47
N SER B 494 37.27 -13.60 29.61
CA SER B 494 37.11 -15.05 29.71
C SER B 494 35.67 -15.42 30.06
N GLN B 495 34.97 -14.51 30.72
CA GLN B 495 33.59 -14.74 31.13
C GLN B 495 32.61 -14.34 30.03
N TRP B 496 33.14 -13.92 28.89
CA TRP B 496 32.32 -13.55 27.74
C TRP B 496 32.00 -14.77 26.88
N VAL B 498 29.87 -15.61 22.57
CA VAL B 498 30.21 -15.70 21.15
C VAL B 498 29.68 -17.01 20.55
N PRO B 499 28.76 -16.89 19.58
CA PRO B 499 28.06 -18.04 18.99
C PRO B 499 28.95 -19.01 18.24
N ASP B 500 29.03 -18.85 16.92
CA ASP B 500 29.82 -19.71 16.05
C ASP B 500 31.29 -19.76 16.47
N THR B 501 31.77 -20.98 16.72
CA THR B 501 33.11 -21.22 17.23
C THR B 501 34.18 -20.70 16.28
N GLU B 502 33.94 -20.81 14.98
CA GLU B 502 34.89 -20.37 13.98
C GLU B 502 35.17 -18.87 14.09
N LEU B 503 34.15 -18.10 14.45
CA LEU B 503 34.31 -16.65 14.62
C LEU B 503 35.18 -16.35 15.84
N ARG B 504 34.86 -16.99 16.96
CA ARG B 504 35.59 -16.79 18.20
C ARG B 504 37.05 -17.18 18.03
N GLU B 505 37.28 -18.30 17.35
CA GLU B 505 38.64 -18.75 17.07
C GLU B 505 39.35 -17.82 16.11
N SER B 506 38.59 -17.25 15.17
CA SER B 506 39.16 -16.30 14.21
C SER B 506 39.67 -15.05 14.91
N LEU B 507 38.83 -14.47 15.77
CA LEU B 507 39.21 -13.24 16.46
C LEU B 507 40.24 -13.52 17.56
N ARG B 508 40.20 -14.72 18.12
CA ARG B 508 41.24 -15.18 19.05
C ARG B 508 42.57 -15.17 18.32
N LEU B 509 42.56 -15.70 17.11
CA LEU B 509 43.75 -15.76 16.28
C LEU B 509 44.19 -14.35 15.89
N ALA B 510 43.23 -13.45 15.78
CA ALA B 510 43.51 -12.06 15.46
C ALA B 510 44.26 -11.36 16.60
N VAL B 511 43.67 -11.36 17.78
CA VAL B 511 44.29 -10.72 18.94
C VAL B 511 45.62 -11.38 19.27
N ALA B 512 45.69 -12.69 19.07
CA ALA B 512 46.95 -13.41 19.24
C ALA B 512 47.98 -12.90 18.23
N GLU B 513 47.50 -12.63 17.00
CA GLU B 513 48.39 -12.21 15.93
C GLU B 513 48.81 -10.75 16.07
N VAL B 514 48.14 -9.99 16.93
CA VAL B 514 48.56 -8.62 17.17
C VAL B 514 49.28 -8.46 18.50
N LEU B 515 49.17 -9.46 19.37
CA LEU B 515 49.80 -9.39 20.68
C LEU B 515 51.12 -10.17 20.74
N LEU B 516 51.08 -11.43 20.30
CA LEU B 516 52.28 -12.28 20.32
C LEU B 516 53.52 -11.68 19.64
N PRO B 517 53.36 -11.07 18.45
CA PRO B 517 54.56 -10.47 17.84
C PRO B 517 55.13 -9.31 18.65
N ALA B 518 54.27 -8.44 19.16
CA ALA B 518 54.70 -7.27 19.92
C ALA B 518 55.39 -7.68 21.23
N TYR B 519 54.87 -8.73 21.86
CA TYR B 519 55.44 -9.22 23.11
C TYR B 519 56.75 -9.95 22.88
N ARG B 520 56.79 -10.76 21.82
CA ARG B 520 58.01 -11.48 21.47
C ARG B 520 59.11 -10.50 21.11
N SER B 521 58.73 -9.42 20.43
CA SER B 521 59.68 -8.37 20.09
C SER B 521 60.10 -7.58 21.32
N PHE B 522 59.17 -7.43 22.27
CA PHE B 522 59.45 -6.74 23.52
C PHE B 522 60.46 -7.51 24.37
N LEU B 523 60.34 -8.83 24.37
CA LEU B 523 61.26 -9.68 25.12
C LEU B 523 62.60 -9.83 24.39
N LYS B 524 62.54 -9.72 23.06
CA LYS B 524 63.74 -9.83 22.24
C LYS B 524 64.37 -8.45 22.01
N ARG B 525 64.39 -7.64 23.07
CA ARG B 525 64.98 -6.31 23.01
C ARG B 525 65.36 -5.83 24.40
N PHE B 526 64.46 -6.07 25.35
CA PHE B 526 64.71 -5.69 26.74
C PHE B 526 64.87 -6.94 27.60
N GLY B 527 65.71 -7.87 27.14
CA GLY B 527 65.93 -9.12 27.85
C GLY B 527 67.39 -9.34 28.19
N THR B 543 55.64 -15.79 29.08
CA THR B 543 56.36 -15.77 27.81
C THR B 543 55.40 -15.63 26.63
N ALA B 544 55.92 -15.85 25.43
CA ALA B 544 55.09 -15.82 24.22
C ALA B 544 54.12 -16.98 24.23
N GLU B 545 54.66 -18.18 24.41
CA GLU B 545 53.87 -19.40 24.49
C GLU B 545 52.85 -19.32 25.63
N ASP B 546 53.23 -18.66 26.72
CA ASP B 546 52.33 -18.45 27.85
C ASP B 546 51.15 -17.56 27.49
N LEU B 547 51.44 -16.41 26.87
CA LEU B 547 50.38 -15.48 26.47
C LEU B 547 49.46 -16.09 25.42
N GLU B 548 50.03 -16.93 24.55
CA GLU B 548 49.23 -17.64 23.55
C GLU B 548 48.40 -18.70 24.25
N ARG B 549 48.95 -19.24 25.33
CA ARG B 549 48.29 -20.27 26.12
C ARG B 549 47.16 -19.69 26.94
N LEU B 550 47.14 -18.37 27.07
CA LEU B 550 46.10 -17.67 27.81
C LEU B 550 45.16 -16.89 26.89
N LEU B 551 45.33 -17.04 25.58
CA LEU B 551 44.47 -16.38 24.61
C LEU B 551 43.26 -17.20 24.17
N GLY B 552 43.45 -18.51 24.06
CA GLY B 552 42.39 -19.41 23.64
C GLY B 552 41.45 -19.86 24.75
N GLU B 553 41.31 -19.02 25.78
CA GLU B 553 40.45 -19.34 26.92
C GLU B 553 39.39 -18.26 27.05
N LEU B 554 39.66 -17.10 26.47
CA LEU B 554 38.70 -16.02 26.45
C LEU B 554 37.48 -16.40 25.63
N PHE B 555 36.36 -15.77 25.91
CA PHE B 555 35.09 -16.04 25.24
C PHE B 555 34.58 -17.44 25.56
N GLU B 556 34.82 -17.89 26.79
CA GLU B 556 34.37 -19.21 27.23
C GLU B 556 33.30 -19.09 28.30
#